data_6B07
#
_entry.id   6B07
#
_cell.length_a   186.913
_cell.length_b   122.579
_cell.length_c   69.064
_cell.angle_alpha   90.000
_cell.angle_beta   106.510
_cell.angle_gamma   90.000
#
_symmetry.space_group_name_H-M   'C 1 2 1'
#
loop_
_entity.id
_entity.type
_entity.pdbx_description
1 polymer 'Farnesyl diphosphate synthase'
2 non-polymer 2-(2,2-diphosphonoethyl)-1-propylpyridin-1-ium
3 non-polymer 'MAGNESIUM ION'
4 non-polymer 1,2-ETHANEDIOL
5 water water
#
_entity_poly.entity_id   1
_entity_poly.type   'polypeptide(L)'
_entity_poly.pdbx_seq_one_letter_code
;TKKESFEDVLPSILNTITTNSELTEVPEVANWLKKVLEYNLAGGKKARGLTTLFAYEMLEKPENITEETIYLAKTLGWCV
EILQGFLVMLDDIMDGSTTRRGVPCWYQLPEVGLAAVNDSSLMFSSIFYVLHAHFADKKIYTNLVELFNESLMHTSIGQH
LDVTMERRQKSDYSLFTIERYNAIVKYKTAYYTYQLPVCLGMLLANISDPVLHQKAEDMCLEIGKFFQIQDDYIDCYGDE
SLTGKMGTDIQEAKCSWLAVMALQRCSASQKIVFTTCYGSKEPAHIERIKELYKQLQLPELYAQEETRMYESLIKQAHGL
PSELSPALFVRLIHMIYKRNH
;
_entity_poly.pdbx_strand_id   A,B,C
#
loop_
_chem_comp.id
_chem_comp.type
_chem_comp.name
_chem_comp.formula
C6M non-polymer 2-(2,2-diphosphonoethyl)-1-propylpyridin-1-ium 'C10 H18 N O6 P2 1'
EDO non-polymer 1,2-ETHANEDIOL 'C2 H6 O2'
MG non-polymer 'MAGNESIUM ION' 'Mg 2'
#
# COMPACT_ATOMS: atom_id res chain seq x y z
N THR A 1 -23.98 0.99 14.24
CA THR A 1 -23.46 -0.37 14.55
C THR A 1 -21.95 -0.45 14.22
N LYS A 2 -21.31 -1.35 14.94
CA LYS A 2 -19.91 -1.62 14.81
C LYS A 2 -19.49 -2.02 13.37
N LYS A 3 -20.27 -2.86 12.73
CA LYS A 3 -20.05 -3.18 11.33
C LYS A 3 -19.89 -1.99 10.35
N GLU A 4 -20.86 -1.04 10.30
CA GLU A 4 -20.72 0.11 9.36
C GLU A 4 -19.49 1.00 9.73
N SER A 5 -19.29 1.18 11.01
CA SER A 5 -18.15 1.88 11.56
C SER A 5 -16.78 1.31 11.12
N PHE A 6 -16.67 -0.02 11.19
CA PHE A 6 -15.57 -0.78 10.67
C PHE A 6 -15.50 -0.64 9.20
N GLU A 7 -16.61 -0.81 8.48
CA GLU A 7 -16.56 -0.65 7.02
C GLU A 7 -16.26 0.77 6.49
N ASP A 8 -16.70 1.77 7.24
CA ASP A 8 -16.47 3.20 6.89
C ASP A 8 -15.03 3.51 6.43
N VAL A 9 -14.03 2.83 7.02
CA VAL A 9 -12.61 3.12 6.72
C VAL A 9 -12.06 2.42 5.49
N LEU A 10 -12.81 1.50 4.90
CA LEU A 10 -12.26 0.77 3.78
C LEU A 10 -11.72 1.64 2.63
N PRO A 11 -12.52 2.60 2.09
CA PRO A 11 -11.95 3.45 1.01
C PRO A 11 -10.60 4.12 1.38
N SER A 12 -10.45 4.59 2.63
CA SER A 12 -9.16 5.19 3.03
C SER A 12 -8.03 4.15 3.05
N ILE A 13 -8.35 2.91 3.49
CA ILE A 13 -7.35 1.82 3.48
C ILE A 13 -6.86 1.61 2.03
N LEU A 14 -7.79 1.44 1.11
CA LEU A 14 -7.42 1.24 -0.32
C LEU A 14 -6.46 2.34 -0.84
N ASN A 15 -6.74 3.62 -0.52
CA ASN A 15 -5.74 4.67 -0.85
C ASN A 15 -4.48 4.58 -0.18
N THR A 16 -4.48 4.18 1.09
CA THR A 16 -3.18 4.00 1.70
C THR A 16 -2.29 2.97 0.88
N ILE A 17 -2.93 1.93 0.36
CA ILE A 17 -2.20 0.78 -0.24
C ILE A 17 -1.34 1.31 -1.45
N THR A 18 -2.06 1.87 -2.40
CA THR A 18 -1.51 2.71 -3.55
C THR A 18 -0.31 3.75 -3.28
N THR A 19 -0.66 4.87 -2.69
CA THR A 19 0.22 5.93 -2.16
C THR A 19 1.53 5.53 -1.49
N ASN A 20 1.49 4.42 -0.75
CA ASN A 20 2.67 3.93 -0.02
C ASN A 20 3.54 2.89 -0.75
N SER A 21 3.20 2.60 -2.01
CA SER A 21 3.88 1.59 -2.74
C SER A 21 4.26 2.13 -4.06
N GLU A 22 5.00 1.30 -4.81
CA GLU A 22 5.21 1.52 -6.20
C GLU A 22 3.95 1.58 -7.03
N LEU A 23 2.79 1.21 -6.47
CA LEU A 23 1.56 1.26 -7.26
C LEU A 23 1.32 2.62 -7.80
N THR A 24 1.77 3.66 -7.04
CA THR A 24 1.74 5.07 -7.53
C THR A 24 2.19 5.19 -8.95
N GLU A 25 3.15 4.36 -9.39
CA GLU A 25 3.74 4.51 -10.76
C GLU A 25 3.07 3.74 -11.91
N VAL A 26 2.18 2.81 -11.58
CA VAL A 26 1.62 1.86 -12.57
C VAL A 26 0.08 1.83 -12.34
N PRO A 27 -0.64 2.84 -12.84
CA PRO A 27 -2.09 2.92 -12.62
C PRO A 27 -2.90 1.75 -13.14
N GLU A 28 -2.52 1.14 -14.28
CA GLU A 28 -3.16 -0.13 -14.72
C GLU A 28 -3.19 -1.12 -13.51
N VAL A 29 -2.08 -1.25 -12.80
CA VAL A 29 -2.00 -2.18 -11.71
C VAL A 29 -2.74 -1.68 -10.48
N ALA A 30 -2.61 -0.41 -10.11
CA ALA A 30 -3.31 0.14 -8.95
C ALA A 30 -4.81 0.02 -9.13
N ASN A 31 -5.30 0.23 -10.33
CA ASN A 31 -6.72 0.13 -10.58
C ASN A 31 -7.19 -1.32 -10.52
N TRP A 32 -6.38 -2.22 -11.02
CA TRP A 32 -6.69 -3.66 -10.97
C TRP A 32 -6.81 -4.09 -9.52
N LEU A 33 -5.84 -3.71 -8.72
CA LEU A 33 -5.77 -4.15 -7.33
C LEU A 33 -6.97 -3.62 -6.58
N LYS A 34 -7.38 -2.40 -6.87
CA LYS A 34 -8.63 -1.91 -6.33
C LYS A 34 -9.81 -2.83 -6.64
N LYS A 35 -9.95 -3.27 -7.88
CA LYS A 35 -10.99 -4.20 -8.23
C LYS A 35 -10.83 -5.51 -7.47
N VAL A 36 -9.62 -6.07 -7.47
CA VAL A 36 -9.33 -7.28 -6.70
C VAL A 36 -9.81 -7.12 -5.27
N LEU A 37 -9.43 -6.02 -4.62
CA LEU A 37 -9.70 -5.90 -3.22
C LEU A 37 -11.22 -5.71 -3.01
N GLU A 38 -11.87 -4.92 -3.85
CA GLU A 38 -13.28 -4.63 -3.57
C GLU A 38 -14.10 -5.92 -3.72
N TYR A 39 -13.81 -6.69 -4.77
CA TYR A 39 -14.48 -7.99 -4.97
C TYR A 39 -14.26 -8.99 -3.85
N ASN A 40 -13.02 -9.14 -3.42
CA ASN A 40 -12.65 -10.17 -2.52
C ASN A 40 -12.86 -9.73 -1.08
N LEU A 41 -13.14 -8.45 -0.81
CA LEU A 41 -13.50 -8.09 0.54
C LEU A 41 -15.01 -7.89 0.72
N ALA A 42 -15.77 -7.90 -0.38
CA ALA A 42 -17.16 -7.45 -0.36
C ALA A 42 -17.97 -8.44 0.41
N GLY A 43 -18.90 -7.91 1.18
CA GLY A 43 -19.97 -8.71 1.73
C GLY A 43 -19.48 -9.32 2.99
N GLY A 44 -20.13 -10.42 3.38
CA GLY A 44 -19.74 -11.21 4.53
C GLY A 44 -19.88 -10.44 5.82
N LYS A 45 -19.44 -11.09 6.88
CA LYS A 45 -19.69 -10.59 8.22
C LYS A 45 -18.63 -9.64 8.72
N LYS A 46 -17.40 -9.70 8.16
CA LYS A 46 -16.28 -8.91 8.70
C LYS A 46 -15.94 -9.34 10.07
N ALA A 47 -16.19 -10.60 10.42
CA ALA A 47 -16.07 -11.02 11.79
C ALA A 47 -14.65 -10.92 12.32
N ARG A 48 -13.67 -11.27 11.51
CA ARG A 48 -12.30 -11.19 12.00
C ARG A 48 -11.83 -9.71 12.22
N GLY A 49 -12.16 -8.84 11.31
CA GLY A 49 -11.81 -7.39 11.48
C GLY A 49 -12.51 -6.85 12.77
N LEU A 50 -13.79 -7.22 12.96
CA LEU A 50 -14.60 -6.85 14.18
C LEU A 50 -14.03 -7.37 15.44
N THR A 51 -13.51 -8.60 15.36
CA THR A 51 -12.98 -9.22 16.53
C THR A 51 -11.74 -8.47 16.90
N THR A 52 -10.98 -8.02 15.90
CA THR A 52 -9.78 -7.17 16.22
C THR A 52 -10.17 -5.87 16.98
N LEU A 53 -11.14 -5.18 16.44
CA LEU A 53 -11.55 -3.88 16.98
C LEU A 53 -12.18 -4.09 18.37
N PHE A 54 -13.08 -5.08 18.46
CA PHE A 54 -13.72 -5.42 19.73
C PHE A 54 -12.71 -5.80 20.80
N ALA A 55 -11.71 -6.60 20.46
CA ALA A 55 -10.71 -6.91 21.42
C ALA A 55 -9.97 -5.70 21.97
N TYR A 56 -9.48 -4.86 21.06
CA TYR A 56 -8.82 -3.61 21.43
C TYR A 56 -9.74 -2.81 22.41
N GLU A 57 -10.96 -2.57 22.00
CA GLU A 57 -11.87 -1.72 22.78
C GLU A 57 -12.13 -2.30 24.16
N MET A 58 -12.15 -3.65 24.26
CA MET A 58 -12.47 -4.37 25.49
C MET A 58 -11.24 -4.52 26.35
N LEU A 59 -10.04 -4.52 25.79
CA LEU A 59 -8.85 -4.75 26.58
C LEU A 59 -8.10 -3.49 27.05
N GLU A 60 -8.25 -2.40 26.28
CA GLU A 60 -7.57 -1.13 26.60
C GLU A 60 -8.38 -0.39 27.70
N LYS A 61 -7.70 0.40 28.53
CA LYS A 61 -8.42 1.21 29.53
C LYS A 61 -9.15 2.27 28.74
N PRO A 62 -10.45 2.46 29.03
CA PRO A 62 -11.25 3.36 28.19
C PRO A 62 -10.69 4.79 28.14
N GLU A 63 -9.90 5.15 29.14
CA GLU A 63 -9.23 6.44 29.19
C GLU A 63 -8.04 6.55 28.20
N ASN A 64 -7.46 5.42 27.76
CA ASN A 64 -6.41 5.41 26.75
C ASN A 64 -6.89 5.28 25.29
N ILE A 65 -8.19 5.25 25.08
CA ILE A 65 -8.71 4.98 23.77
C ILE A 65 -8.95 6.34 23.18
N THR A 66 -8.47 6.55 21.96
CA THR A 66 -8.63 7.78 21.23
C THR A 66 -9.20 7.47 19.91
N GLU A 67 -9.59 8.50 19.18
CA GLU A 67 -10.12 8.27 17.86
C GLU A 67 -9.02 7.69 16.89
N GLU A 68 -7.82 8.19 17.01
CA GLU A 68 -6.68 7.69 16.26
C GLU A 68 -6.49 6.12 16.60
N THR A 69 -6.49 5.74 17.87
CA THR A 69 -6.29 4.35 18.23
C THR A 69 -7.41 3.47 17.67
N ILE A 70 -8.66 3.96 17.62
CA ILE A 70 -9.75 3.28 17.02
C ILE A 70 -9.51 3.14 15.55
N TYR A 71 -9.03 4.19 14.86
CA TYR A 71 -8.73 4.05 13.44
C TYR A 71 -7.61 2.95 13.30
N LEU A 72 -6.62 2.93 14.18
CA LEU A 72 -5.50 1.97 14.07
C LEU A 72 -6.03 0.53 14.28
N ALA A 73 -6.98 0.37 15.20
CA ALA A 73 -7.55 -0.93 15.48
C ALA A 73 -8.34 -1.42 14.29
N LYS A 74 -9.12 -0.54 13.66
CA LYS A 74 -9.81 -0.90 12.43
C LYS A 74 -8.85 -1.27 11.31
N THR A 75 -7.71 -0.61 11.28
CA THR A 75 -6.73 -0.83 10.25
C THR A 75 -6.13 -2.23 10.42
N LEU A 76 -5.77 -2.59 11.65
CA LEU A 76 -5.29 -3.92 11.96
C LEU A 76 -6.35 -4.95 11.59
N GLY A 77 -7.62 -4.64 11.86
CA GLY A 77 -8.71 -5.49 11.55
C GLY A 77 -8.87 -5.68 10.09
N TRP A 78 -8.77 -4.61 9.31
CA TRP A 78 -8.78 -4.76 7.87
C TRP A 78 -7.59 -5.60 7.33
N CYS A 79 -6.43 -5.51 7.98
CA CYS A 79 -5.28 -6.32 7.53
C CYS A 79 -5.64 -7.85 7.69
N VAL A 80 -6.38 -8.21 8.76
CA VAL A 80 -6.85 -9.61 8.96
C VAL A 80 -7.85 -9.95 7.88
N GLU A 81 -8.76 -9.04 7.58
CA GLU A 81 -9.68 -9.23 6.48
C GLU A 81 -9.02 -9.43 5.12
N ILE A 82 -7.97 -8.67 4.90
CA ILE A 82 -7.19 -8.88 3.66
C ILE A 82 -6.54 -10.31 3.66
N LEU A 83 -5.92 -10.68 4.76
CA LEU A 83 -5.34 -12.02 4.91
C LEU A 83 -6.38 -13.05 4.60
N GLN A 84 -7.55 -12.90 5.19
CA GLN A 84 -8.72 -13.75 4.90
C GLN A 84 -9.09 -13.84 3.46
N GLY A 85 -9.08 -12.72 2.78
CA GLY A 85 -9.45 -12.71 1.39
C GLY A 85 -8.44 -13.37 0.50
N PHE A 86 -7.18 -13.14 0.80
CA PHE A 86 -6.08 -13.89 0.22
C PHE A 86 -6.23 -15.42 0.43
N LEU A 87 -6.41 -15.80 1.71
CA LEU A 87 -6.52 -17.27 2.08
C LEU A 87 -7.61 -17.93 1.32
N VAL A 88 -8.78 -17.29 1.24
CA VAL A 88 -9.91 -17.90 0.60
C VAL A 88 -9.90 -17.84 -0.91
N MET A 89 -9.18 -16.86 -1.48
CA MET A 89 -8.95 -16.90 -2.90
C MET A 89 -8.18 -18.18 -3.36
N LEU A 90 -7.13 -18.54 -2.65
CA LEU A 90 -6.37 -19.75 -2.94
C LEU A 90 -7.19 -21.01 -2.53
N ASP A 91 -7.86 -20.93 -1.40
CA ASP A 91 -8.65 -22.06 -0.86
C ASP A 91 -9.72 -22.45 -1.88
N ASP A 92 -10.38 -21.46 -2.47
CA ASP A 92 -11.35 -21.72 -3.49
C ASP A 92 -10.81 -22.47 -4.70
N ILE A 93 -9.61 -22.13 -5.11
CA ILE A 93 -8.93 -22.89 -6.17
C ILE A 93 -8.68 -24.33 -5.70
N MET A 94 -8.12 -24.47 -4.50
CA MET A 94 -7.77 -25.79 -4.02
C MET A 94 -8.96 -26.73 -3.76
N ASP A 95 -10.07 -26.14 -3.39
CA ASP A 95 -11.28 -26.82 -2.93
C ASP A 95 -12.28 -26.98 -4.06
N GLY A 96 -11.98 -26.49 -5.27
CA GLY A 96 -12.85 -26.75 -6.43
C GLY A 96 -14.15 -25.99 -6.24
N SER A 97 -14.09 -24.88 -5.52
CA SER A 97 -15.31 -24.14 -5.21
C SER A 97 -15.71 -23.29 -6.42
N THR A 98 -16.99 -22.94 -6.47
CA THR A 98 -17.66 -22.28 -7.56
C THR A 98 -18.13 -20.88 -7.15
N THR A 99 -18.66 -20.75 -5.93
CA THR A 99 -19.21 -19.51 -5.47
C THR A 99 -18.75 -19.23 -4.07
N ARG A 100 -18.68 -17.95 -3.76
CA ARG A 100 -18.46 -17.44 -2.46
C ARG A 100 -19.13 -16.01 -2.36
N ARG A 101 -19.59 -15.69 -1.15
CA ARG A 101 -20.42 -14.52 -0.82
C ARG A 101 -21.43 -14.23 -1.92
N GLY A 102 -21.96 -15.30 -2.49
CA GLY A 102 -23.09 -15.23 -3.41
C GLY A 102 -22.80 -14.94 -4.85
N VAL A 103 -21.52 -14.92 -5.21
CA VAL A 103 -21.09 -14.69 -6.59
C VAL A 103 -19.98 -15.71 -6.96
N PRO A 104 -19.58 -15.78 -8.24
CA PRO A 104 -18.46 -16.56 -8.70
C PRO A 104 -17.19 -16.27 -7.88
N CYS A 105 -16.52 -17.34 -7.49
CA CYS A 105 -15.21 -17.22 -6.88
C CYS A 105 -14.32 -16.47 -7.84
N TRP A 106 -13.44 -15.65 -7.28
CA TRP A 106 -12.54 -14.78 -8.10
C TRP A 106 -11.92 -15.56 -9.25
N TYR A 107 -11.37 -16.74 -8.96
CA TYR A 107 -10.67 -17.53 -9.99
C TYR A 107 -11.57 -18.03 -11.11
N GLN A 108 -12.87 -18.15 -10.82
CA GLN A 108 -13.83 -18.62 -11.82
C GLN A 108 -14.17 -17.54 -12.81
N LEU A 109 -13.84 -16.26 -12.54
CA LEU A 109 -14.16 -15.27 -13.54
C LEU A 109 -13.29 -15.45 -14.76
N PRO A 110 -13.87 -15.34 -15.97
CA PRO A 110 -13.11 -15.59 -17.26
C PRO A 110 -11.90 -14.67 -17.51
N GLU A 111 -11.99 -13.43 -17.09
CA GLU A 111 -10.89 -12.50 -17.22
C GLU A 111 -9.74 -12.83 -16.19
N VAL A 112 -9.94 -13.77 -15.25
CA VAL A 112 -8.98 -14.00 -14.15
C VAL A 112 -8.30 -15.33 -14.27
N GLY A 113 -9.08 -16.39 -14.10
CA GLY A 113 -8.55 -17.69 -14.15
C GLY A 113 -7.40 -17.88 -13.18
N LEU A 114 -6.36 -18.55 -13.66
CA LEU A 114 -5.22 -18.91 -12.86
C LEU A 114 -4.31 -17.73 -12.49
N ALA A 115 -4.45 -16.62 -13.18
CA ALA A 115 -3.84 -15.39 -12.75
C ALA A 115 -4.33 -14.95 -11.37
N ALA A 116 -5.47 -15.47 -10.88
CA ALA A 116 -5.77 -15.33 -9.45
C ALA A 116 -4.57 -15.57 -8.55
N VAL A 117 -3.65 -16.47 -8.93
CA VAL A 117 -2.59 -16.73 -8.01
C VAL A 117 -1.71 -15.48 -7.85
N ASN A 118 -1.54 -14.73 -8.92
CA ASN A 118 -0.86 -13.42 -8.73
C ASN A 118 -1.68 -12.39 -7.98
N ASP A 119 -2.99 -12.36 -8.22
CA ASP A 119 -3.85 -11.44 -7.43
C ASP A 119 -3.77 -11.67 -5.96
N SER A 120 -3.56 -12.93 -5.58
CA SER A 120 -3.41 -13.27 -4.18
C SER A 120 -2.16 -12.66 -3.64
N SER A 121 -1.06 -12.72 -4.40
CA SER A 121 0.19 -12.21 -3.85
C SER A 121 0.04 -10.67 -3.73
N LEU A 122 -0.60 -10.03 -4.68
CA LEU A 122 -0.80 -8.58 -4.57
C LEU A 122 -1.57 -8.21 -3.29
N MET A 123 -2.57 -9.03 -2.95
CA MET A 123 -3.32 -8.82 -1.72
C MET A 123 -2.56 -8.99 -0.50
N PHE A 124 -1.79 -10.04 -0.45
CA PHE A 124 -1.07 -10.33 0.75
C PHE A 124 -0.02 -9.26 0.96
N SER A 125 0.57 -8.78 -0.13
CA SER A 125 1.70 -7.89 0.04
C SER A 125 1.23 -6.49 0.51
N SER A 126 0.00 -6.16 0.13
CA SER A 126 -0.71 -4.98 0.65
C SER A 126 -0.68 -4.82 2.14
N ILE A 127 -0.79 -5.94 2.84
CA ILE A 127 -0.81 -5.92 4.27
C ILE A 127 0.37 -5.25 4.84
N PHE A 128 1.55 -5.63 4.36
CA PHE A 128 2.75 -5.08 4.92
C PHE A 128 2.93 -3.55 4.63
N TYR A 129 2.41 -3.06 3.52
CA TYR A 129 2.44 -1.59 3.25
C TYR A 129 1.56 -0.84 4.24
N VAL A 130 0.40 -1.41 4.60
CA VAL A 130 -0.46 -0.80 5.70
C VAL A 130 0.23 -0.79 7.02
N LEU A 131 0.83 -1.93 7.36
CA LEU A 131 1.55 -2.01 8.61
C LEU A 131 2.73 -1.05 8.69
N HIS A 132 3.49 -0.97 7.60
CA HIS A 132 4.63 -0.08 7.59
C HIS A 132 4.15 1.41 7.70
N ALA A 133 3.18 1.78 6.90
CA ALA A 133 2.68 3.15 6.85
C ALA A 133 2.21 3.68 8.20
N HIS A 134 1.64 2.82 9.04
CA HIS A 134 1.10 3.26 10.32
C HIS A 134 1.99 2.96 11.44
N PHE A 135 2.80 1.88 11.38
CA PHE A 135 3.51 1.45 12.58
C PHE A 135 5.02 1.47 12.51
N ALA A 136 5.62 1.83 11.41
CA ALA A 136 7.10 1.64 11.32
C ALA A 136 7.87 2.23 12.45
N ASP A 137 7.46 3.38 12.94
CA ASP A 137 8.23 4.01 14.01
C ASP A 137 7.82 3.59 15.41
N LYS A 138 6.99 2.59 15.56
CA LYS A 138 6.57 2.17 16.91
C LYS A 138 7.18 0.93 17.35
N LYS A 139 7.19 0.75 18.65
CA LYS A 139 7.85 -0.37 19.26
C LYS A 139 7.13 -1.69 18.92
N ILE A 140 5.84 -1.64 18.62
CA ILE A 140 5.14 -2.88 18.28
C ILE A 140 5.27 -3.33 16.82
N TYR A 141 5.96 -2.55 16.01
CA TYR A 141 6.06 -2.79 14.61
C TYR A 141 6.54 -4.19 14.33
N THR A 142 7.66 -4.60 14.93
CA THR A 142 8.19 -5.90 14.53
C THR A 142 7.29 -7.06 15.07
N ASN A 143 6.58 -6.85 16.19
CA ASN A 143 5.61 -7.82 16.69
C ASN A 143 4.50 -8.00 15.69
N LEU A 144 3.99 -6.90 15.14
CA LEU A 144 2.95 -6.94 14.13
C LEU A 144 3.35 -7.69 12.88
N VAL A 145 4.51 -7.33 12.31
CA VAL A 145 4.95 -7.91 11.05
C VAL A 145 5.18 -9.46 11.24
N GLU A 146 5.78 -9.84 12.36
CA GLU A 146 6.08 -11.24 12.67
C GLU A 146 4.79 -12.04 12.88
N LEU A 147 3.79 -11.42 13.50
CA LEU A 147 2.53 -12.03 13.76
C LEU A 147 1.82 -12.34 12.47
N PHE A 148 1.85 -11.43 11.50
CA PHE A 148 1.19 -11.69 10.26
C PHE A 148 1.99 -12.76 9.46
N ASN A 149 3.33 -12.72 9.50
CA ASN A 149 4.06 -13.81 8.82
C ASN A 149 3.84 -15.21 9.50
N GLU A 150 3.88 -15.26 10.83
CA GLU A 150 3.50 -16.46 11.57
C GLU A 150 2.11 -17.00 11.22
N SER A 151 1.15 -16.11 11.08
CA SER A 151 -0.17 -16.49 10.61
C SER A 151 -0.23 -17.13 9.26
N LEU A 152 0.58 -16.65 8.32
CA LEU A 152 0.68 -17.28 7.04
C LEU A 152 1.27 -18.69 7.22
N MET A 153 2.35 -18.84 7.99
CA MET A 153 2.98 -20.18 8.20
C MET A 153 1.96 -21.17 8.82
N HIS A 154 1.29 -20.72 9.89
CA HIS A 154 0.28 -21.55 10.57
C HIS A 154 -0.79 -22.01 9.70
N THR A 155 -1.43 -21.06 9.01
CA THR A 155 -2.50 -21.37 8.09
C THR A 155 -2.10 -22.33 6.98
N SER A 156 -0.94 -22.14 6.40
CA SER A 156 -0.45 -23.02 5.37
C SER A 156 -0.09 -24.43 5.86
N ILE A 157 0.42 -24.51 7.06
CA ILE A 157 0.60 -25.79 7.74
C ILE A 157 -0.74 -26.53 7.76
N GLY A 158 -1.75 -25.86 8.24
CA GLY A 158 -3.07 -26.46 8.32
C GLY A 158 -3.67 -26.76 6.96
N GLN A 159 -3.48 -25.89 5.99
CA GLN A 159 -3.97 -26.16 4.65
C GLN A 159 -3.25 -27.35 4.03
N HIS A 160 -2.02 -27.54 4.35
CA HIS A 160 -1.34 -28.71 3.82
C HIS A 160 -2.02 -29.99 4.39
N LEU A 161 -2.25 -29.99 5.71
CA LEU A 161 -2.94 -31.13 6.34
C LEU A 161 -4.31 -31.43 5.71
N ASP A 162 -5.04 -30.37 5.42
CA ASP A 162 -6.35 -30.38 4.82
C ASP A 162 -6.42 -30.95 3.44
N VAL A 163 -5.53 -30.47 2.54
CA VAL A 163 -5.63 -30.79 1.10
C VAL A 163 -4.70 -31.93 0.67
N THR A 164 -3.75 -32.30 1.51
CA THR A 164 -2.77 -33.31 1.12
C THR A 164 -3.45 -34.58 0.56
N MET A 165 -3.02 -34.98 -0.65
CA MET A 165 -3.50 -36.19 -1.37
C MET A 165 -3.21 -37.51 -0.61
N GLU A 166 -2.14 -37.50 0.18
CA GLU A 166 -1.84 -38.46 1.28
C GLU A 166 -2.81 -38.55 2.49
N ARG A 167 -3.82 -37.65 2.62
CA ARG A 167 -4.86 -37.77 3.71
C ARG A 167 -5.73 -39.06 3.65
N ARG A 168 -5.82 -39.62 2.43
CA ARG A 168 -6.56 -40.84 2.12
C ARG A 168 -5.97 -41.52 0.83
N GLN A 169 -5.84 -42.84 0.81
CA GLN A 169 -5.57 -43.59 -0.45
C GLN A 169 -6.82 -44.47 -0.77
N LYS A 170 -7.57 -44.11 -1.82
CA LYS A 170 -8.74 -44.88 -2.26
C LYS A 170 -9.86 -45.14 -1.18
N SER A 171 -9.98 -46.35 -0.63
CA SER A 171 -10.94 -46.66 0.47
C SER A 171 -10.29 -46.61 1.87
N ASP A 172 -9.06 -46.06 1.98
CA ASP A 172 -8.35 -45.97 3.27
C ASP A 172 -8.64 -44.58 3.88
N TYR A 173 -9.49 -44.59 4.91
CA TYR A 173 -9.85 -43.43 5.70
C TYR A 173 -9.34 -43.63 7.10
N SER A 174 -8.25 -44.40 7.21
CA SER A 174 -7.66 -44.64 8.50
C SER A 174 -7.10 -43.35 9.17
N LEU A 175 -6.77 -42.32 8.37
CA LEU A 175 -6.25 -41.03 8.87
C LEU A 175 -7.34 -40.04 9.28
N PHE A 176 -8.60 -40.36 9.02
CA PHE A 176 -9.75 -39.47 9.42
C PHE A 176 -10.09 -39.69 10.89
N THR A 177 -9.21 -39.22 11.75
CA THR A 177 -9.33 -39.30 13.18
C THR A 177 -9.43 -37.91 13.79
N ILE A 178 -9.79 -37.88 15.04
CA ILE A 178 -9.89 -36.64 15.75
C ILE A 178 -8.50 -36.03 15.98
N GLU A 179 -7.48 -36.86 16.16
CA GLU A 179 -6.10 -36.34 16.25
C GLU A 179 -5.75 -35.53 15.02
N ARG A 180 -6.12 -36.07 13.86
CA ARG A 180 -5.84 -35.36 12.60
C ARG A 180 -6.72 -34.13 12.48
N TYR A 181 -8.02 -34.29 12.71
CA TYR A 181 -8.92 -33.19 12.71
C TYR A 181 -8.44 -31.99 13.61
N ASN A 182 -8.03 -32.31 14.82
CA ASN A 182 -7.66 -31.30 15.78
C ASN A 182 -6.45 -30.50 15.22
N ALA A 183 -5.50 -31.21 14.62
CA ALA A 183 -4.30 -30.57 14.00
C ALA A 183 -4.71 -29.70 12.83
N ILE A 184 -5.58 -30.21 12.00
CA ILE A 184 -6.00 -29.46 10.86
C ILE A 184 -6.61 -28.12 11.27
N VAL A 185 -7.60 -28.16 12.19
CA VAL A 185 -8.39 -26.98 12.48
C VAL A 185 -7.59 -25.99 13.34
N LYS A 186 -6.73 -26.48 14.21
CA LYS A 186 -5.88 -25.66 15.01
C LYS A 186 -5.03 -24.75 14.07
N TYR A 187 -4.47 -25.35 13.02
CA TYR A 187 -3.54 -24.64 12.17
C TYR A 187 -4.25 -23.87 11.09
N LYS A 188 -5.21 -24.43 10.42
CA LYS A 188 -5.76 -23.78 9.28
C LYS A 188 -6.75 -22.67 9.67
N THR A 189 -7.34 -22.75 10.86
CA THR A 189 -8.48 -21.81 11.23
C THR A 189 -8.24 -21.08 12.50
N ALA A 190 -7.86 -21.76 13.56
CA ALA A 190 -7.94 -21.21 14.89
C ALA A 190 -6.95 -20.04 15.08
N TYR A 191 -5.74 -20.21 14.57
CA TYR A 191 -4.74 -19.16 14.63
C TYR A 191 -5.21 -17.86 13.96
N TYR A 192 -5.52 -17.90 12.68
CA TYR A 192 -5.79 -16.64 11.97
C TYR A 192 -7.15 -16.05 12.31
N THR A 193 -8.10 -16.92 12.65
CA THR A 193 -9.47 -16.50 12.91
C THR A 193 -9.64 -15.84 14.27
N TYR A 194 -8.93 -16.29 15.31
CA TYR A 194 -9.02 -15.84 16.67
C TYR A 194 -7.76 -15.37 17.31
N GLN A 195 -6.72 -16.21 17.26
CA GLN A 195 -5.54 -15.84 17.96
C GLN A 195 -4.94 -14.52 17.40
N LEU A 196 -4.93 -14.41 16.06
CA LEU A 196 -4.36 -13.25 15.37
C LEU A 196 -5.15 -11.94 15.74
N PRO A 197 -6.45 -11.88 15.49
CA PRO A 197 -7.14 -10.65 15.86
C PRO A 197 -7.07 -10.28 17.34
N VAL A 198 -7.06 -11.27 18.23
CA VAL A 198 -7.00 -10.98 19.66
C VAL A 198 -5.60 -10.50 20.03
N CYS A 199 -4.56 -11.19 19.55
CA CYS A 199 -3.23 -10.78 19.82
CA CYS A 199 -3.22 -10.76 19.86
C CYS A 199 -2.95 -9.35 19.32
N LEU A 200 -3.54 -9.01 18.16
CA LEU A 200 -3.42 -7.67 17.58
C LEU A 200 -4.04 -6.62 18.49
N GLY A 201 -5.26 -6.92 18.96
CA GLY A 201 -5.90 -6.11 20.02
C GLY A 201 -5.10 -5.90 21.26
N MET A 202 -4.45 -6.96 21.72
CA MET A 202 -3.60 -6.93 22.87
C MET A 202 -2.37 -6.05 22.66
N LEU A 203 -1.75 -6.20 21.51
CA LEU A 203 -0.54 -5.45 21.24
C LEU A 203 -0.83 -3.94 21.17
N LEU A 204 -1.94 -3.60 20.56
CA LEU A 204 -2.40 -2.25 20.44
C LEU A 204 -2.70 -1.69 21.81
N ALA A 205 -3.16 -2.54 22.73
CA ALA A 205 -3.45 -2.14 24.11
C ALA A 205 -2.23 -2.20 25.00
N ASN A 206 -1.06 -2.34 24.38
CA ASN A 206 0.19 -2.43 25.10
C ASN A 206 0.29 -3.53 26.08
N ILE A 207 -0.42 -4.63 25.87
CA ILE A 207 -0.21 -5.82 26.67
C ILE A 207 0.91 -6.71 26.08
N SER A 208 1.97 -6.90 26.85
CA SER A 208 3.12 -7.66 26.36
C SER A 208 3.49 -8.88 27.20
N ASP A 209 2.84 -9.08 28.34
CA ASP A 209 3.22 -10.12 29.28
C ASP A 209 3.05 -11.50 28.59
N PRO A 210 4.13 -12.30 28.48
CA PRO A 210 4.04 -13.58 27.76
C PRO A 210 2.98 -14.50 28.36
N VAL A 211 2.85 -14.54 29.67
CA VAL A 211 1.83 -15.37 30.28
C VAL A 211 0.43 -14.98 29.82
N LEU A 212 0.09 -13.68 29.76
CA LEU A 212 -1.24 -13.28 29.30
C LEU A 212 -1.45 -13.66 27.82
N HIS A 213 -0.40 -13.56 27.01
CA HIS A 213 -0.52 -13.91 25.58
C HIS A 213 -0.74 -15.40 25.37
N GLN A 214 -0.05 -16.19 26.17
CA GLN A 214 -0.22 -17.64 26.15
C GLN A 214 -1.62 -18.05 26.58
N LYS A 215 -2.14 -17.40 27.63
CA LYS A 215 -3.47 -17.68 28.10
C LYS A 215 -4.51 -17.32 27.08
N ALA A 216 -4.37 -16.16 26.45
CA ALA A 216 -5.29 -15.74 25.44
C ALA A 216 -5.21 -16.65 24.23
N GLU A 217 -3.99 -16.99 23.82
CA GLU A 217 -3.82 -17.91 22.70
C GLU A 217 -4.56 -19.28 22.98
N ASP A 218 -4.38 -19.87 24.16
CA ASP A 218 -5.08 -21.15 24.46
C ASP A 218 -6.57 -21.03 24.41
N MET A 219 -7.09 -19.90 24.85
CA MET A 219 -8.51 -19.65 24.75
C MET A 219 -8.93 -19.55 23.31
N CYS A 220 -8.18 -18.75 22.55
CA CYS A 220 -8.48 -18.56 21.12
C CYS A 220 -8.51 -19.89 20.33
N LEU A 221 -7.52 -20.70 20.56
CA LEU A 221 -7.42 -21.98 19.84
C LEU A 221 -8.63 -22.88 20.10
N GLU A 222 -9.13 -22.86 21.34
CA GLU A 222 -10.35 -23.57 21.64
C GLU A 222 -11.53 -23.04 20.92
N ILE A 223 -11.66 -21.71 20.89
CA ILE A 223 -12.78 -21.13 20.19
C ILE A 223 -12.72 -21.42 18.69
N GLY A 224 -11.51 -21.38 18.13
CA GLY A 224 -11.39 -21.61 16.70
C GLY A 224 -11.68 -23.02 16.27
N LYS A 225 -11.31 -24.02 17.09
CA LYS A 225 -11.77 -25.43 16.81
C LYS A 225 -13.28 -25.48 16.70
N PHE A 226 -13.93 -24.91 17.71
CA PHE A 226 -15.42 -24.82 17.72
C PHE A 226 -15.98 -24.17 16.48
N PHE A 227 -15.41 -23.02 16.11
CA PHE A 227 -15.82 -22.30 14.91
C PHE A 227 -15.70 -23.14 13.61
N GLN A 228 -14.62 -23.91 13.48
CA GLN A 228 -14.49 -24.76 12.25
C GLN A 228 -15.44 -25.96 12.23
N ILE A 229 -15.74 -26.51 13.43
CA ILE A 229 -16.77 -27.57 13.49
C ILE A 229 -18.04 -26.99 12.94
N GLN A 230 -18.37 -25.75 13.36
CA GLN A 230 -19.59 -25.13 12.78
C GLN A 230 -19.47 -24.91 11.27
N ASP A 231 -18.29 -24.40 10.80
CA ASP A 231 -18.07 -24.28 9.33
C ASP A 231 -18.34 -25.63 8.59
N ASP A 232 -17.77 -26.69 9.14
CA ASP A 232 -17.94 -28.02 8.50
C ASP A 232 -19.42 -28.41 8.52
N TYR A 233 -20.08 -28.18 9.64
CA TYR A 233 -21.55 -28.49 9.65
C TYR A 233 -22.32 -27.76 8.58
N ILE A 234 -22.07 -26.46 8.52
CA ILE A 234 -22.75 -25.62 7.56
C ILE A 234 -22.47 -26.02 6.11
N ASP A 235 -21.28 -26.57 5.86
CA ASP A 235 -20.97 -27.02 4.51
C ASP A 235 -22.04 -27.96 4.03
N CYS A 236 -22.46 -28.86 4.93
CA CYS A 236 -23.37 -29.93 4.56
C CYS A 236 -24.81 -29.46 4.64
N TYR A 237 -25.11 -28.78 5.72
CA TYR A 237 -26.49 -28.51 6.12
C TYR A 237 -26.93 -27.03 5.89
N GLY A 238 -26.02 -26.15 5.49
CA GLY A 238 -26.39 -24.78 5.44
C GLY A 238 -27.18 -24.43 4.20
N ASP A 239 -27.89 -23.35 4.34
CA ASP A 239 -28.72 -22.80 3.26
C ASP A 239 -27.79 -21.90 2.42
N GLU A 240 -27.58 -22.27 1.16
CA GLU A 240 -26.77 -21.49 0.22
C GLU A 240 -27.12 -20.01 0.13
N SER A 241 -28.41 -19.70 0.21
CA SER A 241 -28.87 -18.31 0.10
C SER A 241 -28.48 -17.55 1.36
N LEU A 242 -28.11 -18.24 2.43
CA LEU A 242 -27.58 -17.58 3.60
C LEU A 242 -26.03 -17.60 3.69
N THR A 243 -25.43 -18.72 3.28
CA THR A 243 -23.97 -18.90 3.38
C THR A 243 -23.26 -18.27 2.19
N GLY A 244 -23.92 -18.17 1.04
CA GLY A 244 -23.34 -17.63 -0.16
C GLY A 244 -22.42 -18.55 -0.94
N LYS A 245 -22.36 -19.85 -0.57
CA LYS A 245 -21.39 -20.78 -1.15
C LYS A 245 -21.97 -22.20 -1.21
N MET A 246 -21.65 -22.87 -2.28
CA MET A 246 -22.04 -24.23 -2.44
C MET A 246 -20.98 -25.08 -1.67
N GLY A 247 -21.44 -25.97 -0.80
CA GLY A 247 -20.53 -26.86 -0.03
C GLY A 247 -19.88 -27.91 -0.92
N THR A 248 -18.61 -28.20 -0.69
CA THR A 248 -17.88 -29.18 -1.48
C THR A 248 -17.15 -30.23 -0.61
N ASP A 249 -17.28 -30.20 0.74
CA ASP A 249 -16.54 -31.11 1.59
C ASP A 249 -16.72 -32.62 1.21
N ILE A 250 -17.95 -33.00 0.92
CA ILE A 250 -18.25 -34.39 0.50
C ILE A 250 -17.57 -34.79 -0.78
N GLN A 251 -17.74 -34.02 -1.85
CA GLN A 251 -17.14 -34.34 -3.14
C GLN A 251 -15.63 -34.26 -3.10
N GLU A 252 -15.11 -33.40 -2.25
CA GLU A 252 -13.65 -33.27 -2.18
C GLU A 252 -12.99 -34.20 -1.14
N ALA A 253 -13.79 -35.04 -0.48
CA ALA A 253 -13.24 -36.04 0.40
C ALA A 253 -12.56 -35.43 1.57
N LYS A 254 -13.16 -34.41 2.18
CA LYS A 254 -12.51 -33.72 3.28
C LYS A 254 -12.67 -34.48 4.60
N CYS A 255 -11.66 -34.36 5.44
CA CYS A 255 -11.64 -34.81 6.82
C CYS A 255 -12.34 -33.69 7.62
N SER A 256 -13.62 -33.53 7.33
CA SER A 256 -14.53 -32.69 8.07
C SER A 256 -15.02 -33.37 9.37
N TRP A 257 -15.45 -32.56 10.33
CA TRP A 257 -16.01 -33.07 11.54
C TRP A 257 -17.11 -34.12 11.25
N LEU A 258 -17.94 -33.89 10.26
CA LEU A 258 -19.02 -34.85 9.92
C LEU A 258 -18.50 -36.18 9.43
N ALA A 259 -17.45 -36.17 8.61
CA ALA A 259 -16.90 -37.40 8.13
C ALA A 259 -16.31 -38.20 9.29
N VAL A 260 -15.62 -37.50 10.19
CA VAL A 260 -14.92 -38.13 11.30
C VAL A 260 -16.00 -38.75 12.22
N MET A 261 -17.01 -37.95 12.58
CA MET A 261 -18.15 -38.48 13.39
C MET A 261 -18.90 -39.61 12.68
N ALA A 262 -19.09 -39.54 11.36
CA ALA A 262 -19.74 -40.64 10.66
C ALA A 262 -18.98 -41.97 10.82
N LEU A 263 -17.68 -41.92 10.61
CA LEU A 263 -16.84 -43.09 10.83
C LEU A 263 -16.88 -43.63 12.27
N GLN A 264 -17.10 -42.75 13.29
CA GLN A 264 -17.30 -43.17 14.66
C GLN A 264 -18.52 -44.14 14.84
N ARG A 265 -19.50 -44.02 13.95
CA ARG A 265 -20.82 -44.63 14.09
C ARG A 265 -21.17 -45.61 13.05
N CYS A 266 -20.46 -45.60 11.90
CA CYS A 266 -20.76 -46.59 10.85
C CYS A 266 -20.73 -48.05 11.35
N SER A 267 -21.79 -48.82 10.96
CA SER A 267 -21.70 -50.30 10.90
C SER A 267 -20.71 -50.70 9.83
N ALA A 268 -20.42 -52.00 9.74
CA ALA A 268 -19.51 -52.48 8.73
C ALA A 268 -20.07 -52.22 7.34
N SER A 269 -21.36 -52.39 7.17
CA SER A 269 -21.95 -52.17 5.87
C SER A 269 -22.05 -50.66 5.55
N GLN A 270 -22.35 -49.85 6.56
CA GLN A 270 -22.30 -48.38 6.36
C GLN A 270 -20.91 -47.82 5.95
N LYS A 271 -19.83 -48.37 6.54
CA LYS A 271 -18.48 -48.00 6.21
C LYS A 271 -18.22 -48.27 4.73
N ILE A 272 -18.80 -49.33 4.20
CA ILE A 272 -18.61 -49.62 2.76
C ILE A 272 -19.34 -48.61 1.90
N VAL A 273 -20.50 -48.17 2.34
CA VAL A 273 -21.23 -47.19 1.62
C VAL A 273 -20.41 -45.85 1.62
N PHE A 274 -19.84 -45.51 2.79
CA PHE A 274 -19.11 -44.31 2.95
C PHE A 274 -17.95 -44.33 1.98
N THR A 275 -17.15 -45.38 2.02
CA THR A 275 -15.95 -45.46 1.19
C THR A 275 -16.28 -45.53 -0.28
N THR A 276 -17.43 -46.12 -0.63
CA THR A 276 -17.86 -46.14 -2.00
C THR A 276 -18.25 -44.76 -2.55
N CYS A 277 -18.96 -43.98 -1.73
CA CYS A 277 -19.57 -42.79 -2.22
C CYS A 277 -18.90 -41.46 -1.81
N TYR A 278 -18.05 -41.44 -0.81
CA TYR A 278 -17.42 -40.20 -0.35
C TYR A 278 -16.41 -39.75 -1.43
N GLY A 279 -16.22 -38.45 -1.58
CA GLY A 279 -15.19 -37.99 -2.52
C GLY A 279 -15.55 -38.08 -4.00
N SER A 280 -16.81 -38.06 -4.34
CA SER A 280 -17.16 -38.22 -5.75
C SER A 280 -18.11 -37.10 -6.03
N LYS A 281 -18.03 -36.58 -7.25
CA LYS A 281 -18.94 -35.51 -7.69
C LYS A 281 -20.26 -35.98 -8.21
N GLU A 282 -20.46 -37.28 -8.35
CA GLU A 282 -21.79 -37.74 -8.79
C GLU A 282 -22.78 -37.36 -7.76
N PRO A 283 -23.90 -36.73 -8.18
CA PRO A 283 -24.97 -36.36 -7.25
C PRO A 283 -25.62 -37.51 -6.46
N ALA A 284 -25.79 -38.68 -7.06
CA ALA A 284 -26.33 -39.83 -6.32
C ALA A 284 -25.39 -40.22 -5.15
N HIS A 285 -24.09 -40.20 -5.40
CA HIS A 285 -23.09 -40.47 -4.35
C HIS A 285 -23.14 -39.49 -3.22
N ILE A 286 -23.17 -38.20 -3.59
CA ILE A 286 -23.20 -37.14 -2.60
C ILE A 286 -24.46 -37.28 -1.71
N GLU A 287 -25.57 -37.54 -2.37
CA GLU A 287 -26.81 -37.69 -1.65
C GLU A 287 -26.82 -38.90 -0.72
N ARG A 288 -26.19 -39.99 -1.17
CA ARG A 288 -26.09 -41.19 -0.35
C ARG A 288 -25.34 -40.87 0.97
N ILE A 289 -24.28 -40.06 0.88
CA ILE A 289 -23.53 -39.65 2.06
C ILE A 289 -24.41 -38.86 2.99
N LYS A 290 -25.18 -37.92 2.42
CA LYS A 290 -26.03 -37.12 3.28
C LYS A 290 -27.12 -37.93 3.96
N GLU A 291 -27.63 -38.89 3.26
CA GLU A 291 -28.65 -39.79 3.87
C GLU A 291 -28.00 -40.58 5.05
N LEU A 292 -26.76 -41.03 4.84
CA LEU A 292 -26.04 -41.80 5.84
C LEU A 292 -25.83 -40.91 7.07
N TYR A 293 -25.45 -39.64 6.87
CA TYR A 293 -25.28 -38.70 7.97
C TYR A 293 -26.53 -38.54 8.79
N LYS A 294 -27.63 -38.44 8.07
CA LYS A 294 -28.96 -38.41 8.71
C LYS A 294 -29.27 -39.71 9.53
N GLN A 295 -29.09 -40.89 8.92
CA GLN A 295 -29.34 -42.21 9.59
C GLN A 295 -28.46 -42.25 10.87
N LEU A 296 -27.25 -41.68 10.81
CA LEU A 296 -26.30 -41.77 11.93
C LEU A 296 -26.57 -40.71 13.00
N GLN A 297 -27.59 -39.89 12.78
CA GLN A 297 -28.00 -38.84 13.72
C GLN A 297 -26.97 -37.78 13.90
N LEU A 298 -26.21 -37.47 12.86
CA LEU A 298 -25.18 -36.43 13.07
C LEU A 298 -25.73 -35.02 13.34
N PRO A 299 -26.90 -34.71 12.79
CA PRO A 299 -27.47 -33.42 13.20
C PRO A 299 -27.76 -33.24 14.67
N GLU A 300 -28.34 -34.28 15.31
CA GLU A 300 -28.50 -34.26 16.75
C GLU A 300 -27.18 -34.20 17.51
N LEU A 301 -26.15 -34.95 17.05
CA LEU A 301 -24.88 -34.93 17.74
C LEU A 301 -24.25 -33.53 17.69
N TYR A 302 -24.35 -32.88 16.54
CA TYR A 302 -23.82 -31.52 16.38
C TYR A 302 -24.47 -30.54 17.37
N ALA A 303 -25.78 -30.52 17.38
CA ALA A 303 -26.53 -29.66 18.32
C ALA A 303 -26.05 -29.88 19.72
N GLN A 304 -25.95 -31.13 20.13
CA GLN A 304 -25.51 -31.38 21.51
C GLN A 304 -24.02 -31.04 21.74
N GLU A 305 -23.16 -31.41 20.77
CA GLU A 305 -21.78 -31.03 20.93
C GLU A 305 -21.57 -29.49 20.87
N GLU A 306 -22.32 -28.80 20.04
CA GLU A 306 -22.19 -27.33 19.99
C GLU A 306 -22.48 -26.73 21.39
N THR A 307 -23.53 -27.25 22.06
CA THR A 307 -23.89 -26.76 23.37
C THR A 307 -22.88 -27.13 24.36
N ARG A 308 -22.42 -28.41 24.35
CA ARG A 308 -21.41 -28.81 25.35
C ARG A 308 -20.16 -27.94 25.22
N MET A 309 -19.72 -27.77 23.95
CA MET A 309 -18.50 -26.99 23.73
C MET A 309 -18.75 -25.53 24.13
N TYR A 310 -19.89 -25.02 23.74
CA TYR A 310 -20.34 -23.69 24.19
C TYR A 310 -20.20 -23.51 25.66
N GLU A 311 -20.77 -24.44 26.46
CA GLU A 311 -20.75 -24.33 27.92
C GLU A 311 -19.36 -24.41 28.42
N SER A 312 -18.55 -25.27 27.80
CA SER A 312 -17.12 -25.37 28.15
C SER A 312 -16.29 -24.07 27.84
N LEU A 313 -16.51 -23.51 26.66
CA LEU A 313 -15.83 -22.27 26.27
C LEU A 313 -16.17 -21.11 27.27
N ILE A 314 -17.47 -20.97 27.58
CA ILE A 314 -17.96 -19.92 28.56
C ILE A 314 -17.25 -20.09 29.91
N LYS A 315 -17.13 -21.29 30.40
CA LYS A 315 -16.44 -21.53 31.68
C LYS A 315 -14.97 -21.19 31.59
N GLN A 316 -14.35 -21.55 30.50
CA GLN A 316 -12.99 -21.18 30.32
C GLN A 316 -12.80 -19.66 30.34
N ALA A 317 -13.70 -18.95 29.67
CA ALA A 317 -13.66 -17.52 29.56
C ALA A 317 -13.76 -16.84 30.96
N HIS A 318 -14.75 -17.28 31.74
CA HIS A 318 -14.91 -16.85 33.16
C HIS A 318 -13.67 -17.09 33.98
N GLY A 319 -12.86 -18.08 33.67
CA GLY A 319 -11.63 -18.30 34.42
C GLY A 319 -10.39 -17.58 33.96
N LEU A 320 -10.52 -16.70 32.97
CA LEU A 320 -9.35 -15.89 32.52
C LEU A 320 -9.02 -14.76 33.51
N PRO A 321 -7.75 -14.40 33.68
CA PRO A 321 -7.42 -13.14 34.43
C PRO A 321 -8.22 -11.96 33.91
N SER A 322 -8.59 -11.01 34.79
CA SER A 322 -9.48 -9.92 34.38
C SER A 322 -8.82 -8.99 33.35
N GLU A 323 -7.50 -8.99 33.35
CA GLU A 323 -6.68 -8.27 32.39
C GLU A 323 -6.92 -8.74 30.98
N LEU A 324 -7.46 -9.95 30.78
CA LEU A 324 -7.86 -10.46 29.47
C LEU A 324 -9.30 -10.30 29.15
N SER A 325 -10.04 -9.66 30.03
CA SER A 325 -11.48 -9.42 29.80
C SER A 325 -12.25 -10.72 29.52
N PRO A 326 -12.58 -11.46 30.59
CA PRO A 326 -13.59 -12.50 30.43
C PRO A 326 -14.75 -12.07 29.58
N ALA A 327 -15.21 -10.84 29.76
CA ALA A 327 -16.42 -10.41 29.02
C ALA A 327 -16.19 -10.38 27.49
N LEU A 328 -14.97 -10.06 27.08
CA LEU A 328 -14.73 -10.02 25.62
C LEU A 328 -15.01 -11.44 25.04
N PHE A 329 -14.38 -12.39 25.69
CA PHE A 329 -14.39 -13.79 25.22
C PHE A 329 -15.78 -14.41 25.29
N VAL A 330 -16.48 -14.13 26.40
CA VAL A 330 -17.88 -14.53 26.52
C VAL A 330 -18.62 -13.99 25.36
N ARG A 331 -18.42 -12.70 25.03
CA ARG A 331 -19.14 -12.15 23.89
C ARG A 331 -18.74 -12.73 22.54
N LEU A 332 -17.45 -12.93 22.34
CA LEU A 332 -17.05 -13.59 21.10
C LEU A 332 -17.74 -14.98 20.95
N ILE A 333 -17.77 -15.72 22.05
CA ILE A 333 -18.42 -17.04 22.06
C ILE A 333 -19.88 -16.95 21.71
N HIS A 334 -20.52 -15.96 22.31
CA HIS A 334 -21.94 -15.75 22.16
CA HIS A 334 -21.96 -15.82 22.18
C HIS A 334 -22.36 -15.39 20.78
N MET A 335 -21.52 -14.55 20.16
CA MET A 335 -21.70 -14.12 18.75
C MET A 335 -21.78 -15.27 17.73
N ILE A 336 -21.04 -16.36 18.00
CA ILE A 336 -21.06 -17.50 17.04
C ILE A 336 -21.92 -18.70 17.42
N TYR A 337 -22.24 -18.84 18.70
CA TYR A 337 -23.13 -19.93 19.13
C TYR A 337 -24.45 -19.93 18.39
N LYS A 338 -24.78 -21.06 17.78
CA LYS A 338 -25.98 -21.24 16.99
C LYS A 338 -25.95 -20.60 15.67
N ARG A 339 -24.81 -20.06 15.20
CA ARG A 339 -24.86 -19.37 13.91
C ARG A 339 -25.34 -20.36 12.81
N ASN A 340 -26.02 -19.85 11.79
CA ASN A 340 -26.38 -20.66 10.65
C ASN A 340 -25.63 -20.32 9.35
N HIS A 341 -24.69 -19.40 9.45
CA HIS A 341 -23.82 -19.03 8.32
C HIS A 341 -22.60 -18.39 8.90
N LYS B 2 32.26 -18.72 -3.86
CA LYS B 2 31.93 -19.63 -5.00
C LYS B 2 30.69 -20.44 -4.68
N LYS B 3 30.19 -21.12 -5.71
CA LYS B 3 28.94 -21.88 -5.68
C LYS B 3 28.89 -23.00 -4.63
N GLU B 4 29.81 -23.97 -4.66
CA GLU B 4 29.76 -25.06 -3.63
C GLU B 4 29.86 -24.54 -2.15
N SER B 5 30.63 -23.48 -1.94
CA SER B 5 30.77 -22.87 -0.61
C SER B 5 29.45 -22.18 -0.22
N PHE B 6 28.73 -21.70 -1.24
CA PHE B 6 27.35 -21.23 -1.06
C PHE B 6 26.40 -22.39 -0.76
N GLU B 7 26.48 -23.46 -1.54
CA GLU B 7 25.59 -24.62 -1.40
C GLU B 7 25.76 -25.40 -0.10
N ASP B 8 26.94 -25.33 0.50
CA ASP B 8 27.22 -26.02 1.77
C ASP B 8 26.38 -25.51 2.93
N VAL B 9 26.01 -24.24 2.86
CA VAL B 9 25.17 -23.61 3.87
C VAL B 9 23.72 -24.09 3.82
N LEU B 10 23.27 -24.78 2.77
CA LEU B 10 21.85 -25.09 2.66
C LEU B 10 21.29 -25.96 3.82
N PRO B 11 22.04 -26.99 4.24
CA PRO B 11 21.47 -27.80 5.34
C PRO B 11 21.14 -26.99 6.60
N SER B 12 21.99 -26.05 7.02
CA SER B 12 21.63 -25.25 8.16
C SER B 12 20.37 -24.38 7.91
N ILE B 13 20.15 -23.88 6.68
CA ILE B 13 18.95 -23.07 6.38
C ILE B 13 17.72 -23.91 6.56
N LEU B 14 17.73 -25.09 5.96
CA LEU B 14 16.56 -25.98 6.08
C LEU B 14 16.23 -26.35 7.52
N ASN B 15 17.29 -26.61 8.30
CA ASN B 15 17.17 -26.89 9.74
C ASN B 15 16.55 -25.71 10.50
N THR B 16 17.03 -24.49 10.23
CA THR B 16 16.50 -23.29 10.88
C THR B 16 15.00 -23.17 10.61
N ILE B 17 14.58 -23.45 9.39
CA ILE B 17 13.16 -23.26 9.03
C ILE B 17 12.18 -24.08 9.88
N THR B 18 12.48 -25.35 10.06
CA THR B 18 11.77 -26.20 11.07
C THR B 18 11.78 -25.74 12.58
N THR B 19 12.95 -25.74 13.14
CA THR B 19 13.14 -25.50 14.54
C THR B 19 12.66 -24.09 14.98
N ASN B 20 12.82 -23.04 14.14
CA ASN B 20 12.37 -21.65 14.48
C ASN B 20 10.81 -21.52 14.43
N SER B 21 10.08 -22.53 13.90
CA SER B 21 8.60 -22.40 13.73
C SER B 21 7.74 -23.39 14.51
N GLU B 22 6.43 -23.22 14.38
CA GLU B 22 5.48 -24.27 14.70
C GLU B 22 5.60 -25.62 13.95
N LEU B 23 6.50 -25.73 12.99
CA LEU B 23 6.73 -27.00 12.26
C LEU B 23 7.22 -28.11 13.13
N THR B 24 7.84 -27.76 14.24
CA THR B 24 8.38 -28.76 15.18
C THR B 24 7.29 -29.66 15.77
N GLU B 25 6.07 -29.16 15.88
CA GLU B 25 4.91 -29.93 16.42
C GLU B 25 4.24 -30.76 15.34
N VAL B 26 4.56 -30.52 14.07
CA VAL B 26 3.83 -31.14 12.97
C VAL B 26 4.79 -31.79 11.97
N PRO B 27 5.37 -32.95 12.36
CA PRO B 27 6.44 -33.52 11.53
C PRO B 27 5.97 -33.91 10.11
N GLU B 28 4.72 -34.26 9.93
CA GLU B 28 4.14 -34.44 8.59
C GLU B 28 4.40 -33.22 7.68
N VAL B 29 4.26 -32.02 8.25
CA VAL B 29 4.42 -30.83 7.45
C VAL B 29 5.89 -30.45 7.35
N ALA B 30 6.69 -30.60 8.39
CA ALA B 30 8.08 -30.27 8.31
C ALA B 30 8.81 -31.14 7.31
N ASN B 31 8.36 -32.38 7.17
CA ASN B 31 9.00 -33.27 6.22
C ASN B 31 8.63 -32.92 4.82
N TRP B 32 7.38 -32.54 4.63
CA TRP B 32 6.91 -32.07 3.33
C TRP B 32 7.62 -30.81 2.87
N LEU B 33 7.72 -29.83 3.75
CA LEU B 33 8.40 -28.58 3.45
C LEU B 33 9.86 -28.82 3.05
N LYS B 34 10.48 -29.71 3.77
CA LYS B 34 11.83 -30.11 3.38
C LYS B 34 11.87 -30.63 1.97
N LYS B 35 10.88 -31.44 1.54
CA LYS B 35 10.88 -31.87 0.15
C LYS B 35 10.61 -30.71 -0.80
N VAL B 36 9.66 -29.88 -0.44
CA VAL B 36 9.32 -28.72 -1.24
C VAL B 36 10.62 -27.91 -1.47
N LEU B 37 11.37 -27.63 -0.41
CA LEU B 37 12.54 -26.79 -0.54
C LEU B 37 13.64 -27.45 -1.37
N GLU B 38 13.90 -28.71 -1.07
CA GLU B 38 14.93 -29.39 -1.77
C GLU B 38 14.63 -29.46 -3.28
N TYR B 39 13.41 -29.75 -3.62
CA TYR B 39 13.10 -29.89 -5.03
C TYR B 39 13.16 -28.56 -5.73
N ASN B 40 12.59 -27.56 -5.08
CA ASN B 40 12.50 -26.27 -5.75
C ASN B 40 13.74 -25.41 -5.65
N LEU B 41 14.71 -25.82 -4.84
CA LEU B 41 15.98 -25.08 -4.77
C LEU B 41 17.11 -25.81 -5.46
N ALA B 42 16.93 -27.10 -5.78
CA ALA B 42 18.03 -27.91 -6.43
C ALA B 42 18.47 -27.39 -7.79
N GLY B 43 19.78 -27.55 -8.04
CA GLY B 43 20.39 -27.33 -9.32
C GLY B 43 20.49 -25.86 -9.57
N GLY B 44 20.38 -25.51 -10.85
CA GLY B 44 20.50 -24.11 -11.27
C GLY B 44 21.82 -23.44 -10.88
N LYS B 45 21.88 -22.21 -11.33
CA LYS B 45 23.08 -21.39 -11.25
C LYS B 45 23.26 -20.79 -9.85
N LYS B 46 22.21 -20.70 -9.01
CA LYS B 46 22.25 -19.92 -7.69
C LYS B 46 22.69 -18.47 -7.88
N ALA B 47 22.35 -17.92 -9.03
CA ALA B 47 22.91 -16.68 -9.44
C ALA B 47 22.52 -15.58 -8.45
N ARG B 48 21.24 -15.53 -8.09
CA ARG B 48 20.78 -14.44 -7.21
C ARG B 48 21.38 -14.53 -5.80
N GLY B 49 21.51 -15.74 -5.27
CA GLY B 49 22.22 -15.96 -4.04
C GLY B 49 23.65 -15.50 -4.09
N LEU B 50 24.33 -15.89 -5.15
CA LEU B 50 25.73 -15.46 -5.36
C LEU B 50 25.86 -13.96 -5.58
N THR B 51 24.92 -13.32 -6.24
CA THR B 51 25.02 -11.88 -6.36
C THR B 51 25.05 -11.22 -4.98
N THR B 52 24.21 -11.73 -4.06
CA THR B 52 24.09 -11.21 -2.73
C THR B 52 25.45 -11.32 -2.03
N LEU B 53 26.02 -12.49 -2.06
CA LEU B 53 27.30 -12.78 -1.47
C LEU B 53 28.42 -11.88 -2.07
N PHE B 54 28.49 -11.81 -3.41
CA PHE B 54 29.53 -11.05 -4.13
C PHE B 54 29.37 -9.58 -3.85
N ALA B 55 28.13 -9.12 -3.79
CA ALA B 55 27.87 -7.76 -3.50
C ALA B 55 28.40 -7.38 -2.13
N TYR B 56 28.04 -8.16 -1.12
CA TYR B 56 28.63 -7.92 0.20
C TYR B 56 30.20 -7.96 0.19
N GLU B 57 30.78 -9.00 -0.37
CA GLU B 57 32.25 -9.20 -0.36
C GLU B 57 33.01 -8.11 -1.06
N MET B 58 32.42 -7.53 -2.11
CA MET B 58 33.09 -6.49 -2.85
C MET B 58 32.76 -5.12 -2.30
N LEU B 59 31.63 -4.94 -1.58
CA LEU B 59 31.21 -3.61 -1.07
C LEU B 59 31.79 -3.30 0.31
N GLU B 60 31.94 -4.32 1.14
CA GLU B 60 32.50 -4.17 2.47
C GLU B 60 34.03 -4.02 2.39
N LYS B 61 34.62 -3.25 3.28
CA LYS B 61 36.10 -3.15 3.33
C LYS B 61 36.67 -4.49 3.79
N PRO B 62 37.75 -4.96 3.13
CA PRO B 62 38.27 -6.29 3.51
C PRO B 62 38.55 -6.47 5.04
N GLU B 63 38.94 -5.39 5.72
CA GLU B 63 39.24 -5.38 7.19
C GLU B 63 38.04 -5.62 8.05
N ASN B 64 36.83 -5.56 7.47
CA ASN B 64 35.56 -5.73 8.19
C ASN B 64 34.86 -7.11 7.94
N ILE B 65 35.43 -7.94 7.10
CA ILE B 65 34.73 -9.17 6.65
C ILE B 65 35.27 -10.19 7.54
N THR B 66 34.37 -10.97 8.12
CA THR B 66 34.72 -12.07 8.99
C THR B 66 34.00 -13.31 8.52
N GLU B 67 34.40 -14.44 9.07
CA GLU B 67 33.71 -15.70 8.76
C GLU B 67 32.22 -15.62 9.12
N GLU B 68 31.87 -14.84 10.11
CA GLU B 68 30.51 -14.76 10.57
C GLU B 68 29.71 -13.85 9.60
N THR B 69 30.27 -12.74 9.15
CA THR B 69 29.52 -11.92 8.18
C THR B 69 29.37 -12.61 6.81
N ILE B 70 30.38 -13.40 6.42
CA ILE B 70 30.28 -14.20 5.20
C ILE B 70 29.13 -15.17 5.33
N TYR B 71 28.97 -15.77 6.52
CA TYR B 71 27.88 -16.76 6.73
C TYR B 71 26.51 -16.04 6.60
N LEU B 72 26.45 -14.81 7.12
CA LEU B 72 25.24 -14.04 7.10
C LEU B 72 24.91 -13.62 5.67
N ALA B 73 25.93 -13.25 4.88
CA ALA B 73 25.72 -12.94 3.51
C ALA B 73 25.16 -14.12 2.75
N LYS B 74 25.72 -15.29 2.98
CA LYS B 74 25.20 -16.50 2.32
C LYS B 74 23.77 -16.77 2.74
N THR B 75 23.48 -16.56 4.00
CA THR B 75 22.13 -16.79 4.52
C THR B 75 21.11 -15.92 3.80
N LEU B 76 21.43 -14.66 3.67
CA LEU B 76 20.59 -13.71 2.94
C LEU B 76 20.46 -14.09 1.42
N GLY B 77 21.55 -14.54 0.81
CA GLY B 77 21.52 -15.11 -0.54
C GLY B 77 20.52 -16.26 -0.68
N TRP B 78 20.53 -17.18 0.28
CA TRP B 78 19.55 -18.29 0.31
C TRP B 78 18.14 -17.81 0.47
N CYS B 79 17.96 -16.71 1.18
CA CYS B 79 16.62 -16.12 1.28
C CYS B 79 16.17 -15.64 -0.09
N VAL B 80 17.08 -15.10 -0.87
CA VAL B 80 16.74 -14.66 -2.22
C VAL B 80 16.41 -15.90 -3.09
N GLU B 81 17.22 -16.95 -2.94
CA GLU B 81 16.94 -18.22 -3.66
C GLU B 81 15.57 -18.81 -3.32
N ILE B 82 15.18 -18.73 -2.04
CA ILE B 82 13.88 -19.18 -1.64
C ILE B 82 12.81 -18.30 -2.29
N LEU B 83 13.02 -16.96 -2.35
CA LEU B 83 12.08 -16.07 -3.04
C LEU B 83 11.97 -16.45 -4.50
N GLN B 84 13.09 -16.71 -5.14
CA GLN B 84 13.12 -17.12 -6.56
C GLN B 84 12.25 -18.39 -6.73
N GLY B 85 12.46 -19.32 -5.83
CA GLY B 85 11.74 -20.62 -5.89
C GLY B 85 10.27 -20.47 -5.79
N PHE B 86 9.87 -19.58 -4.93
CA PHE B 86 8.49 -19.25 -4.72
C PHE B 86 7.89 -18.64 -5.98
N LEU B 87 8.60 -17.63 -6.50
CA LEU B 87 8.06 -16.83 -7.57
C LEU B 87 7.88 -17.68 -8.78
N VAL B 88 8.85 -18.52 -9.07
CA VAL B 88 8.76 -19.35 -10.28
C VAL B 88 7.75 -20.54 -10.13
N MET B 89 7.54 -20.97 -8.90
CA MET B 89 6.54 -22.00 -8.63
C MET B 89 5.20 -21.48 -9.11
N LEU B 90 4.86 -20.25 -8.73
CA LEU B 90 3.65 -19.64 -9.18
C LEU B 90 3.64 -19.29 -10.67
N ASP B 91 4.76 -18.77 -11.14
CA ASP B 91 4.87 -18.39 -12.53
C ASP B 91 4.62 -19.58 -13.46
N ASP B 92 5.20 -20.73 -13.13
CA ASP B 92 5.04 -21.94 -13.91
C ASP B 92 3.51 -22.34 -14.05
N ILE B 93 2.73 -22.12 -13.01
CA ILE B 93 1.27 -22.34 -13.07
C ILE B 93 0.65 -21.40 -14.08
N MET B 94 0.96 -20.11 -14.00
CA MET B 94 0.37 -19.13 -14.86
C MET B 94 0.84 -19.21 -16.29
N ASP B 95 2.04 -19.69 -16.50
CA ASP B 95 2.59 -19.76 -17.84
C ASP B 95 2.37 -21.12 -18.56
N GLY B 96 1.76 -22.08 -17.88
CA GLY B 96 1.48 -23.37 -18.51
C GLY B 96 2.76 -24.13 -18.78
N SER B 97 3.79 -23.93 -17.97
CA SER B 97 5.08 -24.57 -18.17
C SER B 97 5.04 -26.04 -17.75
N THR B 98 5.97 -26.79 -18.31
CA THR B 98 6.04 -28.24 -18.09
C THR B 98 7.20 -28.68 -17.28
N THR B 99 8.39 -28.25 -17.68
CA THR B 99 9.63 -28.47 -16.97
C THR B 99 10.31 -27.19 -16.46
N ARG B 100 11.12 -27.37 -15.43
CA ARG B 100 12.08 -26.39 -14.99
C ARG B 100 13.19 -27.12 -14.31
N ARG B 101 14.38 -26.64 -14.57
CA ARG B 101 15.62 -27.22 -14.06
C ARG B 101 15.73 -28.74 -14.42
N GLY B 102 15.19 -29.11 -15.59
CA GLY B 102 15.33 -30.43 -16.14
C GLY B 102 14.41 -31.49 -15.59
N VAL B 103 13.43 -31.09 -14.78
CA VAL B 103 12.42 -31.98 -14.21
C VAL B 103 11.04 -31.28 -14.33
N PRO B 104 9.98 -32.01 -14.15
CA PRO B 104 8.66 -31.39 -14.07
C PRO B 104 8.57 -30.22 -13.07
N CYS B 105 7.84 -29.22 -13.45
CA CYS B 105 7.59 -28.10 -12.57
C CYS B 105 6.82 -28.62 -11.41
N TRP B 106 7.06 -28.05 -10.23
CA TRP B 106 6.42 -28.52 -9.00
C TRP B 106 4.89 -28.76 -9.15
N TYR B 107 4.13 -27.81 -9.69
CA TYR B 107 2.68 -27.99 -9.83
C TYR B 107 2.26 -29.15 -10.77
N GLN B 108 3.12 -29.53 -11.66
CA GLN B 108 2.84 -30.65 -12.56
C GLN B 108 2.89 -32.01 -11.89
N LEU B 109 3.54 -32.12 -10.76
CA LEU B 109 3.60 -33.38 -10.11
C LEU B 109 2.17 -33.82 -9.70
N PRO B 110 1.81 -35.11 -9.96
CA PRO B 110 0.42 -35.62 -9.70
C PRO B 110 -0.07 -35.40 -8.28
N GLU B 111 0.78 -35.58 -7.31
CA GLU B 111 0.49 -35.42 -5.91
C GLU B 111 0.50 -33.96 -5.43
N VAL B 112 0.77 -33.01 -6.31
CA VAL B 112 0.84 -31.59 -5.91
C VAL B 112 -0.30 -30.87 -6.56
N GLY B 113 -0.26 -30.78 -7.87
CA GLY B 113 -1.27 -30.06 -8.62
C GLY B 113 -1.37 -28.59 -8.20
N LEU B 114 -2.59 -28.07 -8.24
CA LEU B 114 -2.89 -26.70 -7.77
C LEU B 114 -2.70 -26.46 -6.29
N ALA B 115 -2.51 -27.50 -5.46
CA ALA B 115 -2.13 -27.29 -4.08
C ALA B 115 -0.73 -26.67 -4.01
N ALA B 116 -0.04 -26.58 -5.15
CA ALA B 116 1.22 -25.88 -5.21
C ALA B 116 1.11 -24.48 -4.68
N VAL B 117 -0.07 -23.87 -4.80
CA VAL B 117 -0.27 -22.54 -4.29
C VAL B 117 -0.05 -22.50 -2.77
N ASN B 118 -0.43 -23.56 -2.05
CA ASN B 118 -0.14 -23.61 -0.63
C ASN B 118 1.30 -23.85 -0.32
N ASP B 119 1.97 -24.70 -1.10
CA ASP B 119 3.43 -24.86 -0.94
C ASP B 119 4.22 -23.52 -1.17
N SER B 120 3.69 -22.70 -2.07
CA SER B 120 4.32 -21.38 -2.31
C SER B 120 4.30 -20.54 -1.03
N SER B 121 3.17 -20.54 -0.33
CA SER B 121 3.02 -19.79 0.93
C SER B 121 3.94 -20.32 1.98
N LEU B 122 4.07 -21.63 2.07
CA LEU B 122 5.04 -22.22 2.97
C LEU B 122 6.46 -21.70 2.68
N MET B 123 6.83 -21.64 1.40
CA MET B 123 8.20 -21.14 1.05
C MET B 123 8.41 -19.67 1.38
N PHE B 124 7.46 -18.84 1.00
CA PHE B 124 7.55 -17.43 1.21
C PHE B 124 7.67 -17.16 2.69
N SER B 125 6.81 -17.81 3.46
CA SER B 125 6.80 -17.64 4.89
C SER B 125 8.11 -18.06 5.57
N SER B 126 8.74 -19.11 5.04
CA SER B 126 10.04 -19.58 5.51
C SER B 126 11.12 -18.52 5.58
N ILE B 127 11.17 -17.70 4.54
CA ILE B 127 12.12 -16.60 4.47
C ILE B 127 12.20 -15.87 5.81
N PHE B 128 11.05 -15.51 6.34
CA PHE B 128 11.01 -14.62 7.51
C PHE B 128 11.44 -15.29 8.81
N TYR B 129 11.30 -16.61 8.92
CA TYR B 129 11.92 -17.35 9.98
C TYR B 129 13.45 -17.33 9.89
N VAL B 130 13.99 -17.44 8.69
CA VAL B 130 15.44 -17.34 8.52
C VAL B 130 15.92 -15.95 8.93
N LEU B 131 15.24 -14.92 8.44
CA LEU B 131 15.65 -13.54 8.75
C LEU B 131 15.62 -13.31 10.31
N HIS B 132 14.56 -13.81 10.94
CA HIS B 132 14.39 -13.74 12.40
C HIS B 132 15.49 -14.44 13.15
N ALA B 133 15.80 -15.65 12.71
CA ALA B 133 16.84 -16.43 13.38
C ALA B 133 18.20 -15.71 13.34
N HIS B 134 18.53 -15.04 12.23
CA HIS B 134 19.89 -14.55 12.13
C HIS B 134 20.04 -13.09 12.43
N PHE B 135 18.93 -12.35 12.39
CA PHE B 135 18.98 -10.93 12.34
C PHE B 135 18.10 -10.22 13.27
N ALA B 136 17.27 -10.94 14.04
CA ALA B 136 16.26 -10.26 14.86
C ALA B 136 16.79 -9.17 15.81
N ASP B 137 18.00 -9.33 16.33
CA ASP B 137 18.55 -8.35 17.29
C ASP B 137 19.44 -7.32 16.64
N LYS B 138 19.48 -7.30 15.30
CA LYS B 138 20.32 -6.41 14.59
C LYS B 138 19.56 -5.22 14.10
N LYS B 139 20.28 -4.12 13.95
CA LYS B 139 19.62 -2.89 13.52
C LYS B 139 18.97 -3.00 12.14
N ILE B 140 19.63 -3.72 11.24
CA ILE B 140 19.13 -3.84 9.85
C ILE B 140 17.90 -4.76 9.74
N TYR B 141 17.43 -5.36 10.84
CA TYR B 141 16.35 -6.38 10.75
C TYR B 141 15.09 -5.94 9.96
N THR B 142 14.53 -4.79 10.37
CA THR B 142 13.32 -4.32 9.75
C THR B 142 13.58 -3.98 8.30
N ASN B 143 14.74 -3.44 7.98
CA ASN B 143 15.07 -3.17 6.58
C ASN B 143 15.03 -4.49 5.70
N LEU B 144 15.58 -5.57 6.25
CA LEU B 144 15.58 -6.87 5.58
C LEU B 144 14.18 -7.40 5.38
N VAL B 145 13.35 -7.26 6.41
CA VAL B 145 11.97 -7.76 6.30
C VAL B 145 11.19 -6.94 5.30
N GLU B 146 11.40 -5.64 5.32
CA GLU B 146 10.74 -4.78 4.37
C GLU B 146 11.21 -5.06 2.89
N LEU B 147 12.48 -5.30 2.72
CA LEU B 147 13.03 -5.50 1.36
C LEU B 147 12.37 -6.71 0.73
N PHE B 148 12.23 -7.79 1.53
CA PHE B 148 11.57 -8.97 1.02
C PHE B 148 10.12 -8.75 0.66
N ASN B 149 9.37 -8.08 1.53
CA ASN B 149 7.94 -7.81 1.25
C ASN B 149 7.82 -6.89 0.03
N GLU B 150 8.71 -5.90 -0.09
CA GLU B 150 8.68 -5.03 -1.24
C GLU B 150 8.95 -5.75 -2.53
N SER B 151 9.86 -6.75 -2.48
CA SER B 151 10.15 -7.58 -3.64
C SER B 151 8.97 -8.37 -4.13
N LEU B 152 8.17 -8.84 -3.19
CA LEU B 152 6.93 -9.51 -3.54
C LEU B 152 5.98 -8.58 -4.26
N MET B 153 5.82 -7.36 -3.73
CA MET B 153 4.91 -6.39 -4.38
C MET B 153 5.44 -6.02 -5.75
N HIS B 154 6.74 -5.70 -5.86
CA HIS B 154 7.22 -5.32 -7.17
C HIS B 154 7.03 -6.42 -8.22
N THR B 155 7.37 -7.66 -7.83
CA THR B 155 7.28 -8.76 -8.74
C THR B 155 5.84 -9.01 -9.17
N SER B 156 4.94 -8.91 -8.21
CA SER B 156 3.52 -9.15 -8.53
C SER B 156 2.96 -8.08 -9.43
N ILE B 157 3.42 -6.84 -9.25
CA ILE B 157 3.05 -5.78 -10.15
C ILE B 157 3.41 -6.14 -11.58
N GLY B 158 4.65 -6.59 -11.72
CA GLY B 158 5.16 -6.95 -13.05
C GLY B 158 4.46 -8.16 -13.62
N GLN B 159 4.26 -9.14 -12.77
CA GLN B 159 3.55 -10.31 -13.23
C GLN B 159 2.17 -9.95 -13.73
N HIS B 160 1.52 -9.00 -13.05
CA HIS B 160 0.21 -8.60 -13.49
C HIS B 160 0.23 -8.08 -14.96
N LEU B 161 1.16 -7.19 -15.27
CA LEU B 161 1.31 -6.65 -16.62
C LEU B 161 1.65 -7.75 -17.58
N ASP B 162 2.41 -8.74 -17.14
CA ASP B 162 2.84 -9.84 -17.98
C ASP B 162 1.67 -10.76 -18.36
N VAL B 163 0.83 -11.13 -17.40
CA VAL B 163 -0.18 -12.19 -17.59
C VAL B 163 -1.54 -11.66 -18.01
N THR B 164 -1.77 -10.38 -17.74
CA THR B 164 -3.09 -9.82 -17.98
C THR B 164 -3.66 -9.96 -19.42
N MET B 165 -4.96 -10.30 -19.44
CA MET B 165 -5.72 -10.91 -20.61
C MET B 165 -6.14 -9.99 -21.78
N ARG B 168 -3.18 -9.00 -24.86
CA ARG B 168 -3.91 -8.68 -26.10
C ARG B 168 -5.42 -8.81 -25.89
N GLN B 169 -6.19 -8.56 -26.96
CA GLN B 169 -7.62 -8.92 -26.96
C GLN B 169 -7.85 -10.09 -27.90
N LYS B 170 -7.50 -9.95 -29.18
CA LYS B 170 -7.57 -11.08 -30.13
C LYS B 170 -6.39 -11.06 -31.11
N SER B 171 -6.56 -10.32 -32.18
CA SER B 171 -5.54 -9.99 -33.16
C SER B 171 -5.08 -8.53 -32.91
N ASP B 172 -5.40 -7.98 -31.75
CA ASP B 172 -5.00 -6.64 -31.41
C ASP B 172 -3.74 -6.78 -30.54
N TYR B 173 -2.61 -6.44 -31.14
CA TYR B 173 -1.35 -6.41 -30.44
C TYR B 173 -0.91 -4.96 -30.32
N SER B 174 -1.85 -4.02 -30.32
CA SER B 174 -1.50 -2.61 -30.08
C SER B 174 -0.74 -2.34 -28.76
N LEU B 175 -0.91 -3.16 -27.74
CA LEU B 175 -0.28 -2.90 -26.46
C LEU B 175 1.12 -3.46 -26.39
N PHE B 176 1.56 -4.22 -27.40
CA PHE B 176 2.88 -4.84 -27.37
C PHE B 176 3.89 -3.83 -27.83
N THR B 177 4.21 -2.92 -26.95
CA THR B 177 5.11 -1.80 -27.23
C THR B 177 6.30 -1.88 -26.33
N ILE B 178 7.34 -1.13 -26.66
CA ILE B 178 8.49 -1.05 -25.78
C ILE B 178 8.16 -0.38 -24.44
N GLU B 179 7.22 0.58 -24.43
CA GLU B 179 6.82 1.14 -23.16
C GLU B 179 6.24 0.06 -22.17
N ARG B 180 5.40 -0.78 -22.70
CA ARG B 180 4.80 -1.85 -21.90
C ARG B 180 5.89 -2.87 -21.51
N TYR B 181 6.74 -3.24 -22.46
CA TYR B 181 7.87 -4.14 -22.17
C TYR B 181 8.75 -3.64 -21.05
N ASN B 182 9.11 -2.38 -21.11
CA ASN B 182 9.99 -1.81 -20.14
C ASN B 182 9.35 -1.89 -18.75
N ALA B 183 8.06 -1.62 -18.67
CA ALA B 183 7.41 -1.68 -17.37
C ALA B 183 7.32 -3.13 -16.87
N ILE B 184 6.92 -4.07 -17.72
CA ILE B 184 6.87 -5.49 -17.35
C ILE B 184 8.22 -5.92 -16.70
N VAL B 185 9.30 -5.71 -17.40
CA VAL B 185 10.55 -6.33 -16.97
C VAL B 185 11.22 -5.61 -15.78
N LYS B 186 11.04 -4.30 -15.69
CA LYS B 186 11.48 -3.51 -14.50
C LYS B 186 10.88 -4.11 -13.24
N TYR B 187 9.57 -4.39 -13.28
CA TYR B 187 8.87 -4.86 -12.10
C TYR B 187 8.97 -6.38 -11.91
N LYS B 188 8.72 -7.16 -12.96
CA LYS B 188 8.74 -8.61 -12.77
C LYS B 188 10.15 -9.20 -12.55
N THR B 189 11.19 -8.60 -13.09
CA THR B 189 12.54 -9.16 -13.02
C THR B 189 13.60 -8.35 -12.34
N ALA B 190 13.70 -7.07 -12.71
CA ALA B 190 14.89 -6.28 -12.38
C ALA B 190 15.01 -6.06 -10.90
N TYR B 191 13.88 -5.75 -10.23
CA TYR B 191 13.90 -5.61 -8.78
C TYR B 191 14.41 -6.85 -7.99
N TYR B 192 13.79 -8.01 -8.11
CA TYR B 192 14.18 -9.15 -7.29
C TYR B 192 15.45 -9.82 -7.78
N THR B 193 15.74 -9.73 -9.05
CA THR B 193 16.92 -10.42 -9.60
C THR B 193 18.24 -9.63 -9.30
N TYR B 194 18.20 -8.31 -9.34
CA TYR B 194 19.40 -7.47 -9.08
C TYR B 194 19.26 -6.44 -7.98
N GLN B 195 18.22 -5.61 -7.97
CA GLN B 195 18.11 -4.60 -6.94
C GLN B 195 18.14 -5.25 -5.53
N LEU B 196 17.41 -6.38 -5.33
CA LEU B 196 17.31 -7.00 -4.01
C LEU B 196 18.63 -7.56 -3.49
N PRO B 197 19.25 -8.45 -4.24
CA PRO B 197 20.55 -8.92 -3.83
C PRO B 197 21.58 -7.83 -3.62
N VAL B 198 21.65 -6.85 -4.51
CA VAL B 198 22.61 -5.74 -4.29
C VAL B 198 22.27 -4.87 -3.07
N CYS B 199 21.00 -4.49 -2.89
CA CYS B 199 20.54 -3.82 -1.67
CA CYS B 199 20.58 -3.80 -1.66
C CYS B 199 20.89 -4.60 -0.38
N LEU B 200 20.72 -5.92 -0.40
CA LEU B 200 21.05 -6.71 0.76
C LEU B 200 22.56 -6.62 1.06
N GLY B 201 23.41 -6.71 0.03
CA GLY B 201 24.86 -6.58 0.24
C GLY B 201 25.24 -5.22 0.81
N MET B 202 24.61 -4.19 0.29
CA MET B 202 24.79 -2.83 0.75
C MET B 202 24.41 -2.69 2.23
N LEU B 203 23.24 -3.19 2.63
CA LEU B 203 22.84 -3.19 4.04
C LEU B 203 23.80 -3.94 4.96
N LEU B 204 24.22 -5.14 4.56
CA LEU B 204 25.18 -5.85 5.34
C LEU B 204 26.56 -5.16 5.48
N ALA B 205 26.94 -4.40 4.47
CA ALA B 205 28.14 -3.54 4.47
C ALA B 205 27.88 -2.16 5.09
N ASN B 206 26.77 -1.99 5.79
CA ASN B 206 26.36 -0.71 6.43
C ASN B 206 26.41 0.47 5.53
N ILE B 207 25.97 0.30 4.28
CA ILE B 207 25.93 1.41 3.35
C ILE B 207 24.45 1.90 3.28
N SER B 208 24.21 3.10 3.77
CA SER B 208 22.83 3.61 3.93
C SER B 208 22.55 4.88 3.18
N ASP B 209 23.60 5.54 2.64
CA ASP B 209 23.45 6.79 1.92
C ASP B 209 22.43 6.67 0.80
N PRO B 210 21.34 7.48 0.87
CA PRO B 210 20.27 7.24 -0.11
C PRO B 210 20.71 7.51 -1.52
N VAL B 211 21.64 8.41 -1.73
CA VAL B 211 22.13 8.67 -3.09
C VAL B 211 22.89 7.44 -3.71
N LEU B 212 23.67 6.79 -2.90
CA LEU B 212 24.35 5.57 -3.35
C LEU B 212 23.27 4.46 -3.65
N HIS B 213 22.24 4.34 -2.79
CA HIS B 213 21.12 3.42 -3.02
C HIS B 213 20.37 3.71 -4.29
N GLN B 214 20.26 4.98 -4.63
CA GLN B 214 19.64 5.37 -5.86
C GLN B 214 20.46 5.07 -7.11
N LYS B 215 21.73 5.38 -7.08
CA LYS B 215 22.59 5.04 -8.18
C LYS B 215 22.69 3.50 -8.44
N ALA B 216 22.73 2.75 -7.36
CA ALA B 216 22.75 1.29 -7.39
C ALA B 216 21.50 0.71 -7.96
N GLU B 217 20.39 1.27 -7.52
CA GLU B 217 19.12 0.86 -8.06
C GLU B 217 19.05 1.12 -9.53
N ASP B 218 19.49 2.29 -9.97
CA ASP B 218 19.43 2.59 -11.38
C ASP B 218 20.29 1.66 -12.25
N MET B 219 21.47 1.35 -11.77
CA MET B 219 22.30 0.38 -12.45
C MET B 219 21.59 -1.02 -12.52
N CYS B 220 21.11 -1.46 -11.39
CA CYS B 220 20.38 -2.71 -11.26
C CYS B 220 19.18 -2.83 -12.18
N LEU B 221 18.43 -1.77 -12.34
CA LEU B 221 17.28 -1.83 -13.17
C LEU B 221 17.67 -1.96 -14.63
N GLU B 222 18.77 -1.32 -15.03
CA GLU B 222 19.29 -1.49 -16.39
C GLU B 222 19.79 -2.93 -16.64
N ILE B 223 20.57 -3.44 -15.69
CA ILE B 223 21.03 -4.84 -15.80
C ILE B 223 19.83 -5.81 -15.91
N GLY B 224 18.79 -5.57 -15.10
CA GLY B 224 17.65 -6.47 -15.02
C GLY B 224 16.88 -6.49 -16.32
N LYS B 225 16.69 -5.35 -16.97
CA LYS B 225 16.01 -5.36 -18.26
C LYS B 225 16.81 -6.27 -19.23
N PHE B 226 18.11 -6.02 -19.24
CA PHE B 226 19.02 -6.77 -20.10
C PHE B 226 18.87 -8.30 -19.89
N PHE B 227 18.85 -8.69 -18.65
CA PHE B 227 18.78 -10.05 -18.27
C PHE B 227 17.47 -10.62 -18.78
N GLN B 228 16.38 -9.86 -18.71
CA GLN B 228 15.10 -10.39 -19.14
C GLN B 228 15.01 -10.45 -20.68
N ILE B 229 15.72 -9.58 -21.38
CA ILE B 229 15.79 -9.74 -22.83
C ILE B 229 16.43 -11.10 -23.19
N GLN B 230 17.52 -11.42 -22.50
CA GLN B 230 18.23 -12.70 -22.71
C GLN B 230 17.30 -13.88 -22.40
N ASP B 231 16.58 -13.79 -21.30
CA ASP B 231 15.60 -14.79 -20.92
C ASP B 231 14.59 -15.01 -22.06
N ASP B 232 14.01 -13.93 -22.59
CA ASP B 232 13.09 -14.00 -23.71
C ASP B 232 13.69 -14.71 -24.92
N TYR B 233 14.93 -14.34 -25.23
CA TYR B 233 15.60 -14.96 -26.36
C TYR B 233 15.78 -16.47 -26.17
N ILE B 234 16.18 -16.84 -24.96
CA ILE B 234 16.37 -18.23 -24.58
C ILE B 234 15.06 -19.04 -24.64
N ASP B 235 13.93 -18.40 -24.36
CA ASP B 235 12.68 -19.12 -24.40
C ASP B 235 12.52 -19.70 -25.82
N CYS B 236 12.82 -18.90 -26.82
CA CYS B 236 12.66 -19.32 -28.21
C CYS B 236 13.78 -20.18 -28.76
N TYR B 237 15.03 -19.77 -28.53
CA TYR B 237 16.18 -20.35 -29.15
C TYR B 237 17.06 -21.20 -28.24
N GLY B 238 16.78 -21.27 -26.93
CA GLY B 238 17.68 -21.97 -26.06
C GLY B 238 17.57 -23.48 -26.29
N ASP B 239 18.60 -24.20 -25.89
CA ASP B 239 18.65 -25.66 -25.94
C ASP B 239 18.10 -26.15 -24.60
N GLU B 240 16.99 -26.84 -24.64
CA GLU B 240 16.34 -27.31 -23.41
C GLU B 240 17.22 -28.17 -22.51
N SER B 241 18.16 -28.92 -23.11
CA SER B 241 19.08 -29.77 -22.36
C SER B 241 20.04 -28.92 -21.58
N LEU B 242 20.16 -27.64 -21.93
CA LEU B 242 20.91 -26.65 -21.12
C LEU B 242 20.04 -25.75 -20.22
N THR B 243 18.93 -25.27 -20.78
CA THR B 243 18.12 -24.35 -20.02
C THR B 243 17.35 -25.06 -18.93
N GLY B 244 17.04 -26.35 -19.14
CA GLY B 244 16.26 -27.12 -18.22
C GLY B 244 14.76 -26.91 -18.36
N LYS B 245 14.31 -26.15 -19.38
CA LYS B 245 12.94 -25.76 -19.45
C LYS B 245 12.41 -25.66 -20.87
N MET B 246 11.19 -26.12 -21.08
CA MET B 246 10.53 -25.91 -22.37
C MET B 246 9.88 -24.50 -22.41
N GLY B 247 10.16 -23.79 -23.51
CA GLY B 247 9.65 -22.44 -23.76
C GLY B 247 8.20 -22.36 -24.04
N THR B 248 7.53 -21.30 -23.57
CA THR B 248 6.10 -21.16 -23.75
C THR B 248 5.70 -19.81 -24.22
N ASP B 249 6.64 -18.89 -24.45
CA ASP B 249 6.21 -17.50 -24.69
C ASP B 249 5.28 -17.38 -25.92
N ILE B 250 5.63 -18.08 -27.00
CA ILE B 250 4.86 -17.93 -28.28
C ILE B 250 3.47 -18.44 -28.05
N GLN B 251 3.39 -19.64 -27.49
CA GLN B 251 2.08 -20.24 -27.35
C GLN B 251 1.25 -19.49 -26.28
N GLU B 252 1.91 -18.85 -25.30
CA GLU B 252 1.15 -18.07 -24.33
C GLU B 252 0.91 -16.64 -24.72
N ALA B 253 1.29 -16.28 -25.94
CA ALA B 253 1.09 -14.96 -26.45
C ALA B 253 1.76 -13.86 -25.61
N LYS B 254 3.00 -14.11 -25.17
CA LYS B 254 3.65 -13.18 -24.27
C LYS B 254 4.15 -11.95 -25.01
N CYS B 255 4.15 -10.80 -24.32
CA CYS B 255 4.83 -9.60 -24.78
C CYS B 255 6.35 -9.72 -24.52
N SER B 256 6.95 -10.69 -25.20
CA SER B 256 8.41 -10.90 -25.18
C SER B 256 9.14 -9.86 -25.98
N TRP B 257 10.43 -9.74 -25.74
CA TRP B 257 11.28 -8.90 -26.59
C TRP B 257 11.15 -9.31 -28.06
N LEU B 258 11.13 -10.62 -28.32
CA LEU B 258 11.04 -11.10 -29.68
C LEU B 258 9.73 -10.61 -30.38
N ALA B 259 8.64 -10.71 -29.66
CA ALA B 259 7.37 -10.31 -30.24
C ALA B 259 7.35 -8.83 -30.53
N VAL B 260 7.81 -8.01 -29.59
CA VAL B 260 7.88 -6.56 -29.80
C VAL B 260 8.76 -6.25 -30.99
N MET B 261 9.91 -6.87 -31.09
CA MET B 261 10.78 -6.64 -32.24
C MET B 261 10.18 -7.16 -33.55
N ALA B 262 9.55 -8.31 -33.49
CA ALA B 262 8.86 -8.81 -34.68
C ALA B 262 7.86 -7.79 -35.24
N LEU B 263 7.03 -7.25 -34.36
CA LEU B 263 6.06 -6.23 -34.79
C LEU B 263 6.72 -5.01 -35.36
N GLN B 264 7.92 -4.67 -34.90
CA GLN B 264 8.58 -3.54 -35.44
C GLN B 264 8.89 -3.76 -36.92
N ARG B 265 9.06 -5.01 -37.34
CA ARG B 265 9.65 -5.33 -38.67
C ARG B 265 8.66 -5.87 -39.69
N CYS B 266 7.52 -6.38 -39.19
CA CYS B 266 6.56 -7.11 -40.02
C CYS B 266 6.10 -6.20 -41.16
N SER B 267 6.12 -6.73 -42.36
CA SER B 267 5.33 -6.16 -43.47
C SER B 267 3.84 -6.36 -43.15
N ALA B 268 2.99 -5.80 -43.98
CA ALA B 268 1.54 -5.94 -43.79
C ALA B 268 1.10 -7.38 -43.77
N SER B 269 1.66 -8.16 -44.68
CA SER B 269 1.24 -9.55 -44.74
C SER B 269 1.87 -10.34 -43.58
N GLN B 270 3.08 -9.97 -43.18
CA GLN B 270 3.70 -10.63 -42.03
C GLN B 270 2.95 -10.39 -40.75
N LYS B 271 2.38 -9.22 -40.59
CA LYS B 271 1.56 -8.92 -39.45
C LYS B 271 0.34 -9.85 -39.31
N ILE B 272 -0.32 -10.14 -40.45
CA ILE B 272 -1.47 -11.05 -40.48
C ILE B 272 -1.03 -12.47 -40.15
N VAL B 273 0.11 -12.91 -40.67
CA VAL B 273 0.67 -14.18 -40.21
C VAL B 273 0.91 -14.22 -38.68
N PHE B 274 1.53 -13.17 -38.14
CA PHE B 274 1.77 -13.09 -36.70
C PHE B 274 0.46 -13.15 -35.91
N THR B 275 -0.50 -12.30 -36.28
CA THR B 275 -1.78 -12.33 -35.55
C THR B 275 -2.52 -13.66 -35.78
N THR B 276 -2.34 -14.32 -36.92
CA THR B 276 -3.00 -15.62 -37.15
C THR B 276 -2.34 -16.69 -36.27
N CYS B 277 -1.00 -16.68 -36.15
CA CYS B 277 -0.32 -17.81 -35.53
C CYS B 277 0.14 -17.65 -34.08
N TYR B 278 0.25 -16.43 -33.58
CA TYR B 278 0.78 -16.19 -32.24
C TYR B 278 -0.26 -16.58 -31.22
N GLY B 279 0.18 -17.14 -30.11
CA GLY B 279 -0.76 -17.42 -29.04
C GLY B 279 -1.58 -18.71 -29.23
N SER B 280 -1.07 -19.61 -30.03
CA SER B 280 -1.70 -20.87 -30.33
C SER B 280 -0.79 -22.01 -29.92
N LYS B 281 -1.38 -23.04 -29.33
CA LYS B 281 -0.65 -24.28 -28.98
C LYS B 281 -0.39 -25.20 -30.17
N GLU B 282 -0.97 -24.92 -31.34
CA GLU B 282 -0.73 -25.77 -32.51
C GLU B 282 0.73 -25.72 -32.87
N PRO B 283 1.38 -26.89 -33.01
CA PRO B 283 2.81 -26.89 -33.39
C PRO B 283 3.14 -26.17 -34.68
N ALA B 284 2.28 -26.30 -35.70
CA ALA B 284 2.54 -25.63 -36.98
C ALA B 284 2.47 -24.08 -36.88
N HIS B 285 1.54 -23.58 -36.11
CA HIS B 285 1.46 -22.19 -35.80
C HIS B 285 2.73 -21.64 -35.06
N ILE B 286 3.22 -22.39 -34.08
CA ILE B 286 4.41 -22.02 -33.31
C ILE B 286 5.59 -21.98 -34.24
N GLU B 287 5.72 -22.98 -35.10
CA GLU B 287 6.84 -23.10 -35.98
C GLU B 287 6.72 -21.99 -37.03
N ARG B 288 5.50 -21.67 -37.41
CA ARG B 288 5.33 -20.59 -38.34
C ARG B 288 5.83 -19.20 -37.72
N ILE B 289 5.56 -18.96 -36.42
CA ILE B 289 6.10 -17.76 -35.76
C ILE B 289 7.61 -17.81 -35.76
N LYS B 290 8.18 -18.96 -35.40
CA LYS B 290 9.61 -19.14 -35.47
C LYS B 290 10.24 -18.92 -36.84
N GLU B 291 9.54 -19.36 -37.88
CA GLU B 291 10.02 -19.16 -39.23
C GLU B 291 10.00 -17.62 -39.54
N LEU B 292 8.95 -16.93 -39.07
CA LEU B 292 8.86 -15.50 -39.23
C LEU B 292 10.01 -14.79 -38.52
N TYR B 293 10.28 -15.20 -37.28
CA TYR B 293 11.39 -14.58 -36.54
C TYR B 293 12.72 -14.65 -37.23
N LYS B 294 12.96 -15.83 -37.77
CA LYS B 294 14.11 -16.03 -38.62
C LYS B 294 14.12 -15.14 -39.84
N GLN B 295 12.98 -15.06 -40.53
CA GLN B 295 12.90 -14.22 -41.75
C GLN B 295 13.15 -12.75 -41.41
N LEU B 296 12.69 -12.34 -40.22
CA LEU B 296 12.86 -10.95 -39.81
C LEU B 296 14.23 -10.66 -39.27
N GLN B 297 15.10 -11.67 -39.26
CA GLN B 297 16.48 -11.54 -38.70
C GLN B 297 16.58 -11.13 -37.26
N LEU B 298 15.63 -11.63 -36.50
CA LEU B 298 15.65 -11.40 -35.08
C LEU B 298 16.87 -12.01 -34.35
N PRO B 299 17.34 -13.23 -34.72
CA PRO B 299 18.58 -13.73 -34.10
C PRO B 299 19.72 -12.77 -34.32
N GLU B 300 19.85 -12.25 -35.53
CA GLU B 300 20.91 -11.30 -35.78
C GLU B 300 20.74 -10.01 -34.98
N LEU B 301 19.50 -9.53 -34.92
CA LEU B 301 19.23 -8.34 -34.12
C LEU B 301 19.61 -8.58 -32.63
N TYR B 302 19.26 -9.76 -32.08
CA TYR B 302 19.52 -10.04 -30.69
C TYR B 302 21.02 -9.99 -30.44
N ALA B 303 21.76 -10.63 -31.32
CA ALA B 303 23.21 -10.65 -31.09
C ALA B 303 23.79 -9.27 -31.03
N GLN B 304 23.27 -8.38 -31.86
CA GLN B 304 23.78 -7.05 -31.90
C GLN B 304 23.30 -6.17 -30.78
N GLU B 305 22.04 -6.35 -30.42
CA GLU B 305 21.51 -5.59 -29.33
C GLU B 305 22.10 -6.09 -28.00
N GLU B 306 22.40 -7.38 -27.88
CA GLU B 306 22.95 -7.83 -26.62
C GLU B 306 24.29 -7.14 -26.40
N THR B 307 25.05 -7.00 -27.47
CA THR B 307 26.33 -6.31 -27.43
C THR B 307 26.27 -4.80 -27.19
N ARG B 308 25.36 -4.12 -27.86
CA ARG B 308 25.19 -2.72 -27.61
C ARG B 308 24.78 -2.51 -26.19
N MET B 309 23.83 -3.30 -25.68
CA MET B 309 23.38 -3.07 -24.26
C MET B 309 24.53 -3.38 -23.30
N TYR B 310 25.28 -4.45 -23.57
CA TYR B 310 26.47 -4.79 -22.74
C TYR B 310 27.40 -3.62 -22.67
N GLU B 311 27.69 -3.01 -23.82
CA GLU B 311 28.62 -1.88 -23.83
C GLU B 311 28.09 -0.70 -23.06
N SER B 312 26.81 -0.42 -23.23
CA SER B 312 26.20 0.64 -22.44
C SER B 312 26.24 0.30 -20.92
N LEU B 313 25.92 -0.96 -20.57
CA LEU B 313 25.99 -1.35 -19.15
C LEU B 313 27.40 -1.14 -18.53
N ILE B 314 28.42 -1.54 -19.26
CA ILE B 314 29.79 -1.43 -18.78
C ILE B 314 30.17 0.04 -18.63
N LYS B 315 29.79 0.84 -19.62
CA LYS B 315 30.05 2.26 -19.53
C LYS B 315 29.43 2.83 -18.27
N GLN B 316 28.19 2.44 -18.01
CA GLN B 316 27.56 2.88 -16.74
C GLN B 316 28.24 2.39 -15.47
N ALA B 317 28.65 1.12 -15.48
CA ALA B 317 29.27 0.60 -14.30
C ALA B 317 30.59 1.31 -14.02
N HIS B 318 31.36 1.55 -15.07
CA HIS B 318 32.69 2.22 -14.91
C HIS B 318 32.51 3.62 -14.34
N GLY B 319 31.35 4.26 -14.62
CA GLY B 319 31.03 5.60 -14.13
C GLY B 319 30.39 5.69 -12.74
N LEU B 320 30.20 4.56 -12.06
CA LEU B 320 29.68 4.59 -10.73
C LEU B 320 30.68 5.16 -9.73
N PRO B 321 30.15 5.60 -8.58
CA PRO B 321 31.02 6.03 -7.54
C PRO B 321 31.84 4.89 -7.09
N SER B 322 33.03 5.20 -6.63
CA SER B 322 33.95 4.20 -6.06
C SER B 322 33.36 3.36 -4.98
N GLU B 323 32.52 3.98 -4.16
CA GLU B 323 31.93 3.31 -3.01
C GLU B 323 30.85 2.32 -3.42
N LEU B 324 30.35 2.38 -4.67
CA LEU B 324 29.46 1.29 -5.19
C LEU B 324 30.17 0.17 -5.95
N SER B 325 31.49 0.21 -6.07
CA SER B 325 32.30 -0.83 -6.76
C SER B 325 31.95 -1.02 -8.19
N PRO B 326 32.46 -0.14 -9.02
CA PRO B 326 32.42 -0.46 -10.44
C PRO B 326 32.76 -1.88 -10.80
N ALA B 327 33.78 -2.45 -10.14
CA ALA B 327 34.19 -3.80 -10.40
C ALA B 327 33.08 -4.89 -10.12
N LEU B 328 32.35 -4.73 -9.02
CA LEU B 328 31.21 -5.62 -8.77
C LEU B 328 30.30 -5.68 -9.98
N PHE B 329 29.92 -4.53 -10.48
CA PHE B 329 28.99 -4.42 -11.63
C PHE B 329 29.56 -4.92 -12.92
N VAL B 330 30.85 -4.59 -13.15
CA VAL B 330 31.57 -5.16 -14.29
C VAL B 330 31.57 -6.69 -14.22
N ARG B 331 31.84 -7.20 -13.03
CA ARG B 331 31.81 -8.60 -12.76
C ARG B 331 30.45 -9.22 -13.02
N LEU B 332 29.41 -8.63 -12.43
CA LEU B 332 28.05 -9.14 -12.68
C LEU B 332 27.62 -9.21 -14.14
N ILE B 333 27.99 -8.20 -14.91
CA ILE B 333 27.62 -8.08 -16.30
C ILE B 333 28.39 -9.13 -17.10
N HIS B 334 29.69 -9.28 -16.79
CA HIS B 334 30.44 -10.35 -17.45
C HIS B 334 29.97 -11.73 -17.16
N MET B 335 29.37 -12.00 -15.99
CA MET B 335 28.82 -13.31 -15.70
C MET B 335 27.60 -13.65 -16.58
N ILE B 336 26.90 -12.66 -17.15
CA ILE B 336 25.72 -12.93 -17.95
C ILE B 336 25.82 -12.65 -19.44
N TYR B 337 26.72 -11.78 -19.86
CA TYR B 337 26.84 -11.47 -21.26
C TYR B 337 27.18 -12.77 -22.03
N LYS B 338 26.51 -12.98 -23.18
CA LYS B 338 26.60 -14.18 -24.04
C LYS B 338 26.08 -15.48 -23.42
N ARG B 339 25.43 -15.45 -22.27
CA ARG B 339 24.91 -16.67 -21.65
C ARG B 339 23.93 -17.36 -22.58
N ASN B 340 23.88 -18.67 -22.47
CA ASN B 340 22.95 -19.45 -23.26
C ASN B 340 21.97 -20.24 -22.39
N HIS B 341 21.94 -19.99 -21.09
CA HIS B 341 20.85 -20.48 -20.23
C HIS B 341 20.85 -19.61 -18.99
N SER C 5 -15.75 36.15 19.84
CA SER C 5 -14.83 35.72 20.95
C SER C 5 -13.54 35.13 20.36
N PHE C 6 -13.47 35.02 19.03
CA PHE C 6 -12.23 34.81 18.39
C PHE C 6 -11.39 36.07 18.51
N GLU C 7 -11.95 37.24 18.13
CA GLU C 7 -11.22 38.55 18.22
C GLU C 7 -10.82 38.89 19.64
N ASP C 8 -11.67 38.52 20.59
CA ASP C 8 -11.49 38.86 21.98
C ASP C 8 -10.22 38.27 22.56
N VAL C 9 -9.64 37.26 21.91
CA VAL C 9 -8.39 36.66 22.37
C VAL C 9 -7.17 37.46 21.95
N LEU C 10 -7.29 38.26 20.90
CA LEU C 10 -6.16 39.03 20.40
C LEU C 10 -5.38 39.80 21.52
N PRO C 11 -6.03 40.50 22.46
CA PRO C 11 -5.21 41.22 23.50
C PRO C 11 -4.33 40.31 24.31
N SER C 12 -4.87 39.16 24.66
CA SER C 12 -4.11 38.12 25.31
C SER C 12 -2.87 37.65 24.58
N ILE C 13 -3.03 37.47 23.29
CA ILE C 13 -1.90 37.03 22.43
C ILE C 13 -0.82 38.11 22.45
N LEU C 14 -1.26 39.35 22.32
CA LEU C 14 -0.31 40.46 22.37
C LEU C 14 0.46 40.51 23.68
N ASN C 15 -0.26 40.41 24.76
CA ASN C 15 0.34 40.34 26.09
C ASN C 15 1.33 39.21 26.24
N THR C 16 1.01 38.02 25.74
CA THR C 16 1.95 36.87 25.82
C THR C 16 3.22 37.14 25.04
N ILE C 17 3.08 37.73 23.86
CA ILE C 17 4.26 38.05 23.04
C ILE C 17 5.18 39.05 23.72
N THR C 18 4.56 40.07 24.30
CA THR C 18 5.29 41.11 25.04
C THR C 18 6.02 40.58 26.28
N THR C 19 5.27 39.90 27.15
CA THR C 19 5.76 39.58 28.46
C THR C 19 6.74 38.49 28.37
N ASN C 20 6.60 37.56 27.41
CA ASN C 20 7.58 36.48 27.28
C ASN C 20 8.83 36.74 26.42
N SER C 21 9.01 37.93 25.86
CA SER C 21 10.15 38.23 25.01
C SER C 21 10.85 39.47 25.57
N GLU C 22 11.91 39.88 24.87
CA GLU C 22 12.59 41.11 25.19
C GLU C 22 11.75 42.34 24.95
N LEU C 23 10.57 42.19 24.35
CA LEU C 23 9.70 43.29 24.18
C LEU C 23 9.29 43.93 25.54
N THR C 24 9.39 43.21 26.65
CA THR C 24 9.10 43.82 27.97
C THR C 24 10.15 44.85 28.30
N GLU C 25 11.34 44.72 27.73
CA GLU C 25 12.39 45.71 27.99
C GLU C 25 12.32 46.90 27.11
N VAL C 26 11.53 46.87 26.02
CA VAL C 26 11.64 47.89 25.00
C VAL C 26 10.25 48.31 24.62
N PRO C 27 9.62 49.12 25.48
CA PRO C 27 8.20 49.45 25.17
C PRO C 27 7.95 50.20 23.88
N GLU C 28 8.95 50.93 23.37
CA GLU C 28 8.77 51.61 22.13
C GLU C 28 8.44 50.54 21.00
N VAL C 29 9.09 49.40 21.07
CA VAL C 29 8.83 48.33 20.11
C VAL C 29 7.60 47.51 20.43
N ALA C 30 7.33 47.28 21.70
CA ALA C 30 6.13 46.62 22.11
C ALA C 30 4.94 47.42 21.71
N ASN C 31 5.00 48.74 21.89
CA ASN C 31 3.91 49.60 21.40
C ASN C 31 3.75 49.61 19.90
N TRP C 32 4.85 49.60 19.20
CA TRP C 32 4.73 49.59 17.76
C TRP C 32 4.13 48.27 17.25
N LEU C 33 4.59 47.16 17.81
CA LEU C 33 4.06 45.82 17.38
C LEU C 33 2.59 45.77 17.65
N LYS C 34 2.13 46.37 18.72
CA LYS C 34 0.67 46.50 18.90
C LYS C 34 -0.02 47.24 17.74
N LYS C 35 0.56 48.31 17.22
CA LYS C 35 -0.08 48.96 16.11
C LYS C 35 0.01 48.12 14.83
N VAL C 36 1.12 47.42 14.64
CA VAL C 36 1.27 46.54 13.50
C VAL C 36 0.18 45.48 13.46
N LEU C 37 -0.07 44.86 14.61
CA LEU C 37 -1.00 43.77 14.69
C LEU C 37 -2.41 44.27 14.53
N GLU C 38 -2.75 45.36 15.23
CA GLU C 38 -4.11 45.91 15.10
C GLU C 38 -4.42 46.31 13.66
N TYR C 39 -3.48 46.95 12.98
CA TYR C 39 -3.73 47.39 11.62
C TYR C 39 -3.78 46.22 10.62
N ASN C 40 -2.85 45.28 10.77
CA ASN C 40 -2.74 44.21 9.80
C ASN C 40 -3.71 43.03 10.11
N LEU C 41 -4.11 42.84 11.37
CA LEU C 41 -4.99 41.74 11.75
C LEU C 41 -6.39 42.05 12.30
N ALA C 42 -6.55 43.07 13.17
CA ALA C 42 -7.75 43.18 13.99
C ALA C 42 -8.93 43.47 13.04
N GLY C 43 -10.12 42.96 13.41
CA GLY C 43 -11.35 43.13 12.58
C GLY C 43 -11.43 42.28 11.29
N GLY C 44 -12.63 42.11 10.72
CA GLY C 44 -12.80 41.33 9.48
C GLY C 44 -12.95 39.85 9.79
N LYS C 45 -13.17 39.06 8.75
CA LYS C 45 -13.33 37.61 8.87
C LYS C 45 -11.97 36.98 9.22
N LYS C 46 -11.98 36.02 10.11
CA LYS C 46 -10.70 35.39 10.53
C LYS C 46 -10.77 33.92 10.06
N ALA C 47 -10.78 33.70 8.76
CA ALA C 47 -11.12 32.42 8.20
C ALA C 47 -10.08 31.38 8.55
N ARG C 48 -8.83 31.70 8.36
CA ARG C 48 -7.76 30.77 8.77
C ARG C 48 -7.78 30.37 10.23
N GLY C 49 -7.88 31.37 11.09
CA GLY C 49 -7.94 31.15 12.50
C GLY C 49 -9.12 30.30 12.90
N LEU C 50 -10.27 30.61 12.35
CA LEU C 50 -11.49 29.81 12.62
C LEU C 50 -11.36 28.36 12.07
N THR C 51 -10.66 28.20 10.95
CA THR C 51 -10.46 26.86 10.41
C THR C 51 -9.78 26.02 11.46
N THR C 52 -8.82 26.60 12.20
CA THR C 52 -8.10 25.87 13.25
C THR C 52 -9.05 25.48 14.40
N LEU C 53 -9.79 26.45 14.89
CA LEU C 53 -10.74 26.17 15.95
C LEU C 53 -11.79 25.08 15.52
N PHE C 54 -12.30 25.22 14.34
CA PHE C 54 -13.35 24.28 13.86
C PHE C 54 -12.81 22.87 13.58
N ALA C 55 -11.61 22.82 12.98
CA ALA C 55 -10.90 21.54 12.88
C ALA C 55 -10.70 20.86 14.21
N TYR C 56 -10.19 21.57 15.23
CA TYR C 56 -10.04 21.02 16.54
C TYR C 56 -11.41 20.48 17.05
N GLU C 57 -12.43 21.31 16.96
CA GLU C 57 -13.69 20.97 17.62
C GLU C 57 -14.35 19.75 16.92
N MET C 58 -14.28 19.69 15.61
CA MET C 58 -14.91 18.62 14.84
C MET C 58 -14.13 17.31 14.92
N LEU C 59 -12.84 17.34 15.24
CA LEU C 59 -11.99 16.15 15.25
C LEU C 59 -11.79 15.57 16.65
N GLU C 60 -11.98 16.40 17.66
CA GLU C 60 -11.82 15.98 19.04
C GLU C 60 -13.06 15.19 19.45
N LYS C 61 -12.93 14.36 20.45
CA LYS C 61 -14.07 13.68 21.06
C LYS C 61 -14.77 14.69 21.86
N PRO C 62 -16.08 14.72 21.78
CA PRO C 62 -16.78 15.82 22.48
C PRO C 62 -16.49 15.95 23.96
N GLU C 63 -16.27 14.82 24.62
CA GLU C 63 -15.97 14.82 26.04
C GLU C 63 -14.66 15.46 26.39
N ASN C 64 -13.77 15.68 25.42
CA ASN C 64 -12.53 16.38 25.75
C ASN C 64 -12.52 17.85 25.35
N ILE C 65 -13.65 18.37 24.86
CA ILE C 65 -13.77 19.80 24.59
C ILE C 65 -13.95 20.50 25.91
N THR C 66 -13.05 21.42 26.20
CA THR C 66 -13.02 22.17 27.45
C THR C 66 -12.76 23.65 27.13
N GLU C 67 -13.03 24.53 28.09
CA GLU C 67 -12.72 25.95 28.02
C GLU C 67 -11.24 26.15 27.71
N GLU C 68 -10.40 25.37 28.38
CA GLU C 68 -8.95 25.41 28.11
C GLU C 68 -8.58 24.99 26.71
N THR C 69 -9.17 23.92 26.17
CA THR C 69 -8.78 23.51 24.82
C THR C 69 -9.30 24.40 23.72
N ILE C 70 -10.47 24.95 23.93
CA ILE C 70 -10.98 25.91 23.00
C ILE C 70 -10.04 27.14 22.98
N TYR C 71 -9.62 27.60 24.14
CA TYR C 71 -8.71 28.76 24.20
C TYR C 71 -7.38 28.45 23.47
N LEU C 72 -6.88 27.26 23.71
CA LEU C 72 -5.67 26.80 22.98
C LEU C 72 -5.86 26.74 21.49
N ALA C 73 -7.00 26.22 21.05
CA ALA C 73 -7.33 26.22 19.65
C ALA C 73 -7.40 27.62 19.06
N LYS C 74 -8.03 28.55 19.80
CA LYS C 74 -8.11 29.91 19.29
C LYS C 74 -6.67 30.52 19.21
N THR C 75 -5.86 30.19 20.19
CA THR C 75 -4.49 30.66 20.25
C THR C 75 -3.66 30.20 19.04
N LEU C 76 -3.78 28.90 18.68
CA LEU C 76 -3.15 28.38 17.44
C LEU C 76 -3.69 29.06 16.22
N GLY C 77 -4.98 29.31 16.21
CA GLY C 77 -5.58 29.94 15.06
C GLY C 77 -5.06 31.36 14.87
N TRP C 78 -4.90 32.05 15.98
CA TRP C 78 -4.27 33.39 15.96
C TRP C 78 -2.85 33.32 15.45
N CYS C 79 -2.13 32.24 15.78
CA CYS C 79 -0.74 32.09 15.16
C CYS C 79 -0.81 32.00 13.66
N VAL C 80 -1.83 31.30 13.12
CA VAL C 80 -2.01 31.20 11.70
C VAL C 80 -2.34 32.58 11.10
N GLU C 81 -3.19 33.33 11.77
CA GLU C 81 -3.53 34.67 11.30
C GLU C 81 -2.32 35.61 11.33
N ILE C 82 -1.44 35.49 12.34
CA ILE C 82 -0.16 36.25 12.34
C ILE C 82 0.69 35.83 11.13
N LEU C 83 0.82 34.51 10.85
CA LEU C 83 1.55 34.11 9.68
C LEU C 83 0.94 34.71 8.42
N GLN C 84 -0.38 34.67 8.35
CA GLN C 84 -1.07 35.25 7.13
C GLN C 84 -0.69 36.77 7.00
N GLY C 85 -0.76 37.48 8.10
CA GLY C 85 -0.43 38.94 8.10
C GLY C 85 0.99 39.23 7.61
N PHE C 86 1.91 38.40 8.10
CA PHE C 86 3.27 38.44 7.66
C PHE C 86 3.38 38.25 6.14
N LEU C 87 2.74 37.18 5.63
CA LEU C 87 2.91 36.81 4.25
C LEU C 87 2.34 37.87 3.32
N VAL C 88 1.18 38.36 3.65
CA VAL C 88 0.55 39.34 2.77
C VAL C 88 1.23 40.70 2.89
N MET C 89 1.87 40.96 4.02
CA MET C 89 2.58 42.25 4.15
C MET C 89 3.72 42.26 3.13
N LEU C 90 4.43 41.13 2.99
CA LEU C 90 5.48 41.05 2.04
C LEU C 90 4.89 40.95 0.60
N ASP C 91 3.80 40.23 0.48
CA ASP C 91 3.23 40.01 -0.81
C ASP C 91 2.84 41.34 -1.48
N ASP C 92 2.23 42.20 -0.73
CA ASP C 92 1.85 43.55 -1.21
C ASP C 92 2.98 44.38 -1.73
N ILE C 93 4.13 44.27 -1.08
CA ILE C 93 5.34 44.87 -1.58
C ILE C 93 5.72 44.30 -2.94
N MET C 94 5.76 42.99 -3.05
CA MET C 94 6.26 42.37 -4.26
C MET C 94 5.25 42.53 -5.38
N ASP C 95 3.97 42.59 -5.06
CA ASP C 95 2.94 42.73 -6.09
C ASP C 95 2.58 44.21 -6.49
N GLY C 96 3.17 45.20 -5.82
CA GLY C 96 2.91 46.59 -6.16
C GLY C 96 1.53 46.99 -5.72
N SER C 97 0.99 46.34 -4.71
CA SER C 97 -0.37 46.58 -4.36
C SER C 97 -0.56 47.89 -3.60
N THR C 98 -1.79 48.36 -3.62
CA THR C 98 -2.12 49.70 -3.06
C THR C 98 -2.96 49.59 -1.84
N THR C 99 -3.96 48.75 -1.88
CA THR C 99 -4.91 48.59 -0.78
C THR C 99 -5.10 47.14 -0.37
N ARG C 100 -5.53 46.97 0.87
CA ARG C 100 -6.00 45.72 1.33
C ARG C 100 -6.90 45.97 2.51
N ARG C 101 -7.95 45.19 2.62
CA ARG C 101 -8.96 45.34 3.67
C ARG C 101 -9.57 46.76 3.64
N GLY C 102 -9.55 47.39 2.47
CA GLY C 102 -10.14 48.70 2.19
C GLY C 102 -9.37 49.92 2.61
N VAL C 103 -8.12 49.74 3.05
CA VAL C 103 -7.23 50.83 3.56
C VAL C 103 -5.88 50.59 2.88
N PRO C 104 -4.96 51.56 2.95
CA PRO C 104 -3.69 51.33 2.28
C PRO C 104 -3.01 50.09 2.83
N CYS C 105 -2.26 49.46 1.94
CA CYS C 105 -1.31 48.40 2.36
C CYS C 105 -0.36 49.02 3.41
N TRP C 106 0.12 48.20 4.36
CA TRP C 106 0.99 48.69 5.42
C TRP C 106 2.13 49.37 4.86
N TYR C 107 2.80 48.76 3.91
CA TYR C 107 4.02 49.38 3.36
C TYR C 107 3.77 50.75 2.67
N GLN C 108 2.52 51.01 2.29
CA GLN C 108 2.18 52.28 1.60
C GLN C 108 2.09 53.46 2.60
N LEU C 109 1.86 53.20 3.89
CA LEU C 109 1.81 54.27 4.89
C LEU C 109 3.13 55.06 4.94
N PRO C 110 3.03 56.41 4.95
CA PRO C 110 4.28 57.20 4.87
C PRO C 110 5.25 57.00 6.07
N GLU C 111 4.68 56.68 7.23
CA GLU C 111 5.42 56.33 8.44
C GLU C 111 5.95 54.89 8.44
N VAL C 112 5.72 54.10 7.38
CA VAL C 112 6.12 52.68 7.40
C VAL C 112 7.09 52.44 6.32
N GLY C 113 6.63 52.57 5.08
CA GLY C 113 7.55 52.38 3.97
C GLY C 113 8.07 50.94 3.89
N LEU C 114 9.21 50.79 3.21
CA LEU C 114 9.90 49.57 3.12
C LEU C 114 10.41 49.00 4.47
N ALA C 115 10.39 49.76 5.54
CA ALA C 115 10.63 49.18 6.86
C ALA C 115 9.52 48.15 7.23
N ALA C 116 8.39 48.10 6.49
CA ALA C 116 7.44 46.96 6.58
C ALA C 116 8.19 45.61 6.56
N VAL C 117 9.34 45.53 5.88
CA VAL C 117 10.04 44.27 5.83
C VAL C 117 10.43 43.81 7.25
N ASN C 118 10.81 44.75 8.09
CA ASN C 118 11.20 44.44 9.49
C ASN C 118 10.03 44.16 10.33
N ASP C 119 8.93 44.84 10.08
CA ASP C 119 7.64 44.52 10.71
C ASP C 119 7.17 43.09 10.43
N SER C 120 7.45 42.61 9.25
CA SER C 120 7.17 41.23 8.91
C SER C 120 7.98 40.31 9.81
N SER C 121 9.25 40.61 10.00
CA SER C 121 10.06 39.71 10.87
C SER C 121 9.57 39.71 12.35
N LEU C 122 9.20 40.87 12.84
CA LEU C 122 8.60 40.98 14.17
C LEU C 122 7.38 40.04 14.29
N MET C 123 6.50 40.11 13.30
CA MET C 123 5.35 39.24 13.26
C MET C 123 5.66 37.74 13.26
N PHE C 124 6.51 37.30 12.33
CA PHE C 124 6.79 35.87 12.20
C PHE C 124 7.44 35.39 13.51
N SER C 125 8.39 36.16 14.05
CA SER C 125 9.04 35.73 15.30
C SER C 125 8.15 35.76 16.53
N SER C 126 7.12 36.57 16.53
CA SER C 126 6.12 36.55 17.60
C SER C 126 5.45 35.23 17.82
N ILE C 127 5.17 34.54 16.75
CA ILE C 127 4.47 33.28 16.76
C ILE C 127 5.09 32.30 17.73
N PHE C 128 6.39 32.22 17.74
CA PHE C 128 7.05 31.25 18.52
C PHE C 128 7.01 31.52 20.04
N TYR C 129 6.86 32.77 20.41
CA TYR C 129 6.65 33.13 21.79
C TYR C 129 5.28 32.68 22.29
N VAL C 130 4.28 32.72 21.40
CA VAL C 130 2.94 32.16 21.74
C VAL C 130 3.01 30.65 21.88
N LEU C 131 3.68 29.99 20.95
CA LEU C 131 3.79 28.56 21.03
C LEU C 131 4.51 28.08 22.29
N HIS C 132 5.60 28.75 22.61
CA HIS C 132 6.34 28.39 23.77
C HIS C 132 5.52 28.63 25.04
N ALA C 133 4.90 29.79 25.12
CA ALA C 133 4.08 30.06 26.29
C ALA C 133 3.03 28.99 26.59
N HIS C 134 2.33 28.50 25.58
CA HIS C 134 1.21 27.59 25.84
C HIS C 134 1.52 26.17 25.65
N PHE C 135 2.64 25.84 25.01
CA PHE C 135 2.91 24.48 24.68
C PHE C 135 4.28 23.91 25.01
N ALA C 136 5.19 24.71 25.58
CA ALA C 136 6.58 24.23 25.69
C ALA C 136 6.69 22.90 26.43
N ASP C 137 5.77 22.63 27.36
CA ASP C 137 5.88 21.42 28.18
C ASP C 137 5.02 20.30 27.72
N LYS C 138 4.49 20.40 26.53
CA LYS C 138 3.63 19.40 26.00
C LYS C 138 4.27 18.61 24.94
N LYS C 139 3.71 17.43 24.75
CA LYS C 139 4.22 16.51 23.78
C LYS C 139 4.16 17.10 22.34
N ILE C 140 3.14 17.88 21.97
CA ILE C 140 3.08 18.36 20.62
C ILE C 140 3.99 19.59 20.32
N TYR C 141 4.74 20.07 21.30
CA TYR C 141 5.45 21.31 21.14
C TYR C 141 6.32 21.33 19.89
N THR C 142 7.20 20.35 19.72
CA THR C 142 8.13 20.43 18.56
C THR C 142 7.39 20.27 17.25
N ASN C 143 6.33 19.46 17.23
CA ASN C 143 5.48 19.36 16.03
C ASN C 143 4.92 20.73 15.59
N LEU C 144 4.50 21.53 16.59
CA LEU C 144 3.89 22.85 16.32
C LEU C 144 4.94 23.78 15.79
N VAL C 145 6.08 23.82 16.47
CA VAL C 145 7.21 24.67 16.05
C VAL C 145 7.66 24.35 14.65
N GLU C 146 7.82 23.09 14.32
CA GLU C 146 8.27 22.69 12.99
C GLU C 146 7.22 22.99 11.92
N LEU C 147 5.96 22.77 12.22
CA LEU C 147 4.90 23.08 11.26
C LEU C 147 4.96 24.53 10.85
N PHE C 148 5.13 25.43 11.80
CA PHE C 148 5.23 26.84 11.42
C PHE C 148 6.46 27.13 10.55
N ASN C 149 7.62 26.58 10.88
CA ASN C 149 8.82 26.86 10.12
CA ASN C 149 8.78 26.86 10.01
C ASN C 149 8.60 26.23 8.71
N GLU C 150 8.02 25.04 8.66
CA GLU C 150 7.79 24.44 7.39
C GLU C 150 6.88 25.23 6.47
N SER C 151 5.79 25.76 7.04
CA SER C 151 4.85 26.62 6.31
C SER C 151 5.54 27.83 5.69
N LEU C 152 6.54 28.38 6.37
CA LEU C 152 7.28 29.45 5.78
C LEU C 152 8.08 28.99 4.54
N MET C 153 8.75 27.85 4.62
CA MET C 153 9.46 27.35 3.46
C MET C 153 8.45 27.02 2.29
N HIS C 154 7.35 26.32 2.60
CA HIS C 154 6.36 25.97 1.59
C HIS C 154 5.85 27.23 0.89
N THR C 155 5.44 28.27 1.67
CA THR C 155 4.92 29.48 1.13
C THR C 155 5.92 30.26 0.28
N SER C 156 7.15 30.27 0.72
CA SER C 156 8.25 30.91 -0.01
C SER C 156 8.61 30.24 -1.32
N ILE C 157 8.57 28.90 -1.35
CA ILE C 157 8.67 28.14 -2.60
C ILE C 157 7.65 28.59 -3.64
N GLY C 158 6.39 28.68 -3.23
CA GLY C 158 5.36 29.07 -4.10
C GLY C 158 5.45 30.51 -4.55
N GLN C 159 5.80 31.36 -3.60
CA GLN C 159 6.00 32.75 -3.91
C GLN C 159 7.12 32.96 -4.88
N HIS C 160 8.18 32.14 -4.82
CA HIS C 160 9.22 32.27 -5.80
C HIS C 160 8.69 32.00 -7.22
N LEU C 161 8.00 30.90 -7.36
CA LEU C 161 7.40 30.53 -8.63
C LEU C 161 6.48 31.63 -9.16
N ASP C 162 5.72 32.27 -8.27
CA ASP C 162 4.80 33.34 -8.58
C ASP C 162 5.53 34.61 -9.08
N VAL C 163 6.59 35.04 -8.41
CA VAL C 163 7.11 36.39 -8.68
C VAL C 163 8.37 36.34 -9.47
N THR C 164 8.95 35.16 -9.73
CA THR C 164 10.22 35.05 -10.42
C THR C 164 10.20 35.79 -11.75
N MET C 165 11.21 36.61 -11.96
CA MET C 165 11.29 37.46 -13.16
C MET C 165 11.55 36.55 -14.41
N GLU C 166 12.07 35.33 -14.16
CA GLU C 166 12.16 34.26 -15.15
C GLU C 166 10.82 33.70 -15.71
N ARG C 167 9.82 34.58 -15.82
CA ARG C 167 8.78 34.47 -16.85
C ARG C 167 8.75 35.78 -17.69
N SER C 171 8.79 38.64 -22.40
CA SER C 171 7.43 38.37 -22.88
C SER C 171 7.40 37.09 -23.73
N ASP C 172 7.64 36.00 -23.01
CA ASP C 172 7.88 34.69 -23.55
C ASP C 172 6.51 33.86 -23.45
N TYR C 173 6.06 33.64 -22.21
CA TYR C 173 4.80 32.90 -21.75
C TYR C 173 4.61 31.42 -22.01
N SER C 174 5.62 30.75 -22.55
CA SER C 174 5.54 29.31 -22.75
C SER C 174 5.48 28.57 -21.41
N LEU C 175 5.97 29.19 -20.33
CA LEU C 175 5.96 28.54 -19.02
C LEU C 175 4.61 28.65 -18.33
N PHE C 176 3.65 29.42 -18.82
CA PHE C 176 2.38 29.55 -18.14
C PHE C 176 1.46 28.40 -18.48
N THR C 177 1.77 27.23 -17.93
CA THR C 177 1.01 26.00 -18.10
C THR C 177 0.24 25.66 -16.88
N ILE C 178 -0.71 24.76 -17.03
CA ILE C 178 -1.47 24.30 -15.84
C ILE C 178 -0.56 23.52 -14.83
N GLU C 179 0.52 22.89 -15.29
CA GLU C 179 1.48 22.22 -14.39
C GLU C 179 2.21 23.24 -13.51
N ARG C 180 2.65 24.35 -14.14
CA ARG C 180 3.26 25.46 -13.39
C ARG C 180 2.25 26.02 -12.43
N TYR C 181 1.03 26.30 -12.89
CA TYR C 181 -0.01 26.75 -12.03
C TYR C 181 -0.24 25.91 -10.84
N ASN C 182 -0.37 24.61 -11.06
CA ASN C 182 -0.65 23.75 -9.92
C ASN C 182 0.44 23.82 -8.83
N ALA C 183 1.70 23.84 -9.24
CA ALA C 183 2.83 23.95 -8.29
C ALA C 183 2.77 25.30 -7.56
N ILE C 184 2.57 26.39 -8.29
CA ILE C 184 2.45 27.71 -7.63
C ILE C 184 1.46 27.67 -6.52
N VAL C 185 0.25 27.22 -6.80
CA VAL C 185 -0.78 27.40 -5.79
C VAL C 185 -0.76 26.41 -4.68
N LYS C 186 -0.22 25.22 -4.97
CA LYS C 186 -0.03 24.23 -3.95
C LYS C 186 0.84 24.87 -2.80
N TYR C 187 1.96 25.43 -3.20
CA TYR C 187 3.00 25.91 -2.29
C TYR C 187 2.68 27.31 -1.76
N LYS C 188 2.23 28.27 -2.58
CA LYS C 188 2.01 29.64 -2.04
C LYS C 188 0.73 29.76 -1.24
N THR C 189 -0.26 28.93 -1.47
CA THR C 189 -1.56 29.12 -0.83
C THR C 189 -2.01 27.97 -0.09
N ALA C 190 -2.01 26.78 -0.71
CA ALA C 190 -2.68 25.66 -0.08
C ALA C 190 -2.18 25.17 1.25
N TYR C 191 -0.88 25.21 1.46
CA TYR C 191 -0.37 24.73 2.74
C TYR C 191 -0.78 25.64 3.87
N TYR C 192 -0.47 26.93 3.76
CA TYR C 192 -0.73 27.83 4.93
C TYR C 192 -2.20 28.11 5.13
N THR C 193 -3.00 28.14 4.07
CA THR C 193 -4.42 28.49 4.24
C THR C 193 -5.30 27.31 4.67
N TYR C 194 -4.93 26.08 4.32
CA TYR C 194 -5.70 24.92 4.76
C TYR C 194 -4.93 23.82 5.50
N GLN C 195 -3.82 23.34 4.92
CA GLN C 195 -3.12 22.20 5.57
C GLN C 195 -2.68 22.55 6.94
N LEU C 196 -2.16 23.77 7.10
CA LEU C 196 -1.62 24.23 8.43
C LEU C 196 -2.67 24.35 9.50
N PRO C 197 -3.74 25.15 9.26
CA PRO C 197 -4.73 25.24 10.35
C PRO C 197 -5.39 23.87 10.67
N VAL C 198 -5.63 23.06 9.65
CA VAL C 198 -6.27 21.73 9.90
C VAL C 198 -5.33 20.83 10.66
N CYS C 199 -4.06 20.81 10.25
CA CYS C 199 -3.03 19.99 10.93
CA CYS C 199 -3.11 19.92 10.93
C CYS C 199 -2.90 20.37 12.38
N LEU C 200 -2.90 21.69 12.67
CA LEU C 200 -2.85 22.14 14.05
C LEU C 200 -4.03 21.63 14.85
N GLY C 201 -5.21 21.71 14.26
CA GLY C 201 -6.40 21.27 15.01
C GLY C 201 -6.29 19.75 15.25
N MET C 202 -5.81 19.02 14.26
CA MET C 202 -5.53 17.60 14.47
C MET C 202 -4.62 17.27 15.62
N LEU C 203 -3.47 17.96 15.69
CA LEU C 203 -2.56 17.76 16.78
C LEU C 203 -3.18 18.09 18.10
N LEU C 204 -3.95 19.17 18.15
CA LEU C 204 -4.52 19.54 19.43
C LEU C 204 -5.57 18.50 19.79
N ALA C 205 -6.24 17.95 18.81
CA ALA C 205 -7.14 16.85 19.04
C ALA C 205 -6.49 15.45 19.25
N ASN C 206 -5.19 15.39 19.52
CA ASN C 206 -4.48 14.20 19.81
C ASN C 206 -4.40 13.25 18.66
N ILE C 207 -4.42 13.74 17.43
CA ILE C 207 -4.20 12.93 16.23
C ILE C 207 -2.81 13.25 15.67
N SER C 208 -1.88 12.32 15.80
CA SER C 208 -0.55 12.48 15.21
C SER C 208 -0.12 11.40 14.23
N ASP C 209 -0.99 10.44 13.93
CA ASP C 209 -0.69 9.43 12.94
C ASP C 209 -0.27 10.05 11.60
N PRO C 210 0.93 9.68 11.08
CA PRO C 210 1.38 10.21 9.82
C PRO C 210 0.47 9.99 8.58
N VAL C 211 -0.26 8.92 8.50
CA VAL C 211 -1.11 8.66 7.35
C VAL C 211 -2.39 9.52 7.41
N LEU C 212 -2.95 9.61 8.60
CA LEU C 212 -4.12 10.45 8.79
C LEU C 212 -3.75 11.91 8.46
N HIS C 213 -2.56 12.33 8.88
CA HIS C 213 -2.06 13.68 8.51
C HIS C 213 -1.91 13.84 7.03
N GLN C 214 -1.41 12.82 6.37
CA GLN C 214 -1.25 12.85 4.91
C GLN C 214 -2.60 12.96 4.21
N LYS C 215 -3.62 12.22 4.66
CA LYS C 215 -4.92 12.27 4.00
C LYS C 215 -5.58 13.63 4.15
N ALA C 216 -5.48 14.16 5.34
CA ALA C 216 -5.93 15.53 5.61
C ALA C 216 -5.22 16.50 4.74
N GLU C 217 -3.90 16.41 4.72
CA GLU C 217 -3.13 17.31 3.85
C GLU C 217 -3.56 17.22 2.37
N ASP C 218 -3.74 16.02 1.86
CA ASP C 218 -4.14 15.86 0.46
C ASP C 218 -5.46 16.56 0.13
N MET C 219 -6.43 16.38 0.99
CA MET C 219 -7.71 17.07 0.90
C MET C 219 -7.51 18.61 0.97
N CYS C 220 -6.70 19.02 1.93
CA CYS C 220 -6.42 20.45 2.07
C CYS C 220 -5.79 21.03 0.86
N LEU C 221 -4.84 20.35 0.22
CA LEU C 221 -4.20 20.95 -0.93
C LEU C 221 -5.12 21.17 -2.11
N GLU C 222 -6.09 20.26 -2.28
CA GLU C 222 -7.09 20.43 -3.32
C GLU C 222 -7.98 21.62 -2.99
N ILE C 223 -8.40 21.73 -1.74
CA ILE C 223 -9.23 22.88 -1.33
C ILE C 223 -8.47 24.20 -1.59
N GLY C 224 -7.22 24.22 -1.20
CA GLY C 224 -6.42 25.40 -1.42
C GLY C 224 -6.19 25.82 -2.90
N LYS C 225 -5.98 24.86 -3.78
CA LYS C 225 -5.89 25.13 -5.21
C LYS C 225 -7.19 25.83 -5.65
N PHE C 226 -8.28 25.27 -5.21
CA PHE C 226 -9.61 25.79 -5.56
C PHE C 226 -9.72 27.24 -5.08
N PHE C 227 -9.39 27.46 -3.80
CA PHE C 227 -9.41 28.80 -3.19
C PHE C 227 -8.57 29.81 -3.97
N GLN C 228 -7.40 29.42 -4.41
CA GLN C 228 -6.54 30.32 -5.19
C GLN C 228 -7.12 30.59 -6.61
N ILE C 229 -7.66 29.57 -7.27
CA ILE C 229 -8.36 29.81 -8.57
C ILE C 229 -9.45 30.89 -8.35
N GLN C 230 -10.22 30.82 -7.26
CA GLN C 230 -11.19 31.86 -6.99
C GLN C 230 -10.55 33.25 -6.78
N ASP C 231 -9.47 33.29 -5.97
CA ASP C 231 -8.72 34.51 -5.73
C ASP C 231 -8.33 35.15 -7.05
N ASP C 232 -7.82 34.35 -8.00
CA ASP C 232 -7.41 34.84 -9.29
C ASP C 232 -8.57 35.45 -10.07
N TYR C 233 -9.71 34.80 -9.95
CA TYR C 233 -10.91 35.20 -10.71
C TYR C 233 -11.29 36.56 -10.20
N ILE C 234 -11.34 36.62 -8.89
CA ILE C 234 -11.61 37.88 -8.19
C ILE C 234 -10.63 39.00 -8.48
N ASP C 235 -9.36 38.70 -8.71
CA ASP C 235 -8.44 39.77 -8.99
C ASP C 235 -8.88 40.55 -10.24
N CYS C 236 -9.37 39.83 -11.23
CA CYS C 236 -9.85 40.43 -12.49
C CYS C 236 -11.25 40.95 -12.41
N TYR C 237 -12.15 40.19 -11.80
CA TYR C 237 -13.57 40.44 -11.99
C TYR C 237 -14.27 40.92 -10.73
N GLY C 238 -13.59 40.99 -9.59
CA GLY C 238 -14.28 41.21 -8.32
C GLY C 238 -14.56 42.69 -8.11
N ASP C 239 -15.36 43.04 -7.15
CA ASP C 239 -15.63 44.44 -6.89
C ASP C 239 -14.78 44.93 -5.69
N GLU C 240 -13.92 45.93 -5.94
CA GLU C 240 -13.00 46.49 -4.93
C GLU C 240 -13.72 46.89 -3.61
N SER C 241 -14.96 47.37 -3.69
CA SER C 241 -15.71 47.72 -2.47
C SER C 241 -16.08 46.49 -1.66
N LEU C 242 -16.15 45.34 -2.32
CA LEU C 242 -16.29 44.05 -1.60
C LEU C 242 -14.97 43.34 -1.24
N THR C 243 -13.98 43.42 -2.12
CA THR C 243 -12.72 42.69 -1.91
C THR C 243 -11.77 43.40 -0.95
N GLY C 244 -11.81 44.72 -0.88
CA GLY C 244 -10.91 45.48 -0.04
C GLY C 244 -9.61 45.72 -0.78
N LYS C 245 -9.50 45.28 -2.04
CA LYS C 245 -8.27 45.43 -2.74
C LYS C 245 -8.40 45.64 -4.24
N MET C 246 -7.42 46.33 -4.77
CA MET C 246 -7.33 46.56 -6.19
C MET C 246 -6.39 45.50 -6.77
N GLY C 247 -6.85 44.83 -7.81
CA GLY C 247 -6.11 43.70 -8.38
C GLY C 247 -4.97 44.21 -9.19
N THR C 248 -3.97 43.37 -9.34
CA THR C 248 -2.79 43.70 -10.11
C THR C 248 -2.29 42.54 -10.96
N ASP C 249 -2.98 41.41 -11.00
CA ASP C 249 -2.36 40.26 -11.71
C ASP C 249 -1.99 40.58 -13.16
N ILE C 250 -2.86 41.31 -13.89
CA ILE C 250 -2.60 41.56 -15.29
C ILE C 250 -1.36 42.42 -15.48
N GLN C 251 -1.34 43.54 -14.77
CA GLN C 251 -0.18 44.41 -14.85
C GLN C 251 1.08 43.83 -14.30
N GLU C 252 0.97 42.93 -13.30
CA GLU C 252 2.17 42.22 -12.82
C GLU C 252 2.54 40.93 -13.59
N ALA C 253 1.89 40.68 -14.74
CA ALA C 253 2.29 39.56 -15.60
C ALA C 253 2.27 38.18 -14.88
N LYS C 254 1.22 37.95 -14.11
CA LYS C 254 1.10 36.80 -13.22
C LYS C 254 0.58 35.59 -13.94
N CYS C 255 1.17 34.44 -13.58
CA CYS C 255 0.66 33.14 -14.02
C CYS C 255 -0.60 32.77 -13.26
N SER C 256 -1.62 33.57 -13.44
CA SER C 256 -2.90 33.40 -12.82
C SER C 256 -3.68 32.34 -13.57
N TRP C 257 -4.73 31.84 -12.94
CA TRP C 257 -5.61 30.85 -13.57
C TRP C 257 -6.21 31.37 -14.93
N LEU C 258 -6.60 32.62 -14.98
CA LEU C 258 -7.13 33.28 -16.17
C LEU C 258 -6.07 33.30 -17.19
N ALA C 259 -4.87 33.70 -16.84
CA ALA C 259 -3.76 33.68 -17.81
C ALA C 259 -3.54 32.29 -18.39
N VAL C 260 -3.61 31.29 -17.53
CA VAL C 260 -3.25 29.91 -17.97
C VAL C 260 -4.40 29.45 -18.90
N MET C 261 -5.62 29.67 -18.49
CA MET C 261 -6.78 29.26 -19.30
C MET C 261 -6.81 30.01 -20.68
N ALA C 262 -6.51 31.29 -20.66
CA ALA C 262 -6.42 32.02 -21.91
C ALA C 262 -5.41 31.43 -22.83
N LEU C 263 -4.23 31.16 -22.31
CA LEU C 263 -3.15 30.68 -23.17
C LEU C 263 -3.47 29.27 -23.76
N GLN C 264 -4.26 28.48 -23.03
CA GLN C 264 -4.72 27.17 -23.56
C GLN C 264 -5.70 27.34 -24.77
N ARG C 265 -6.49 28.41 -24.73
CA ARG C 265 -7.60 28.67 -25.68
C ARG C 265 -7.28 29.68 -26.81
N CYS C 266 -6.24 30.49 -26.65
CA CYS C 266 -5.76 31.42 -27.68
C CYS C 266 -5.42 30.85 -29.06
N SER C 267 -5.88 31.57 -30.10
CA SER C 267 -5.25 31.46 -31.45
C SER C 267 -3.82 31.97 -31.45
N ALA C 268 -3.13 31.67 -32.56
CA ALA C 268 -1.80 32.24 -32.83
C ALA C 268 -1.88 33.76 -32.76
N SER C 269 -2.95 34.31 -33.34
CA SER C 269 -3.14 35.77 -33.37
C SER C 269 -3.48 36.34 -31.96
N GLN C 270 -4.34 35.65 -31.22
CA GLN C 270 -4.68 36.11 -29.84
C GLN C 270 -3.48 36.02 -28.85
N LYS C 271 -2.63 35.02 -29.05
CA LYS C 271 -1.39 34.91 -28.29
C LYS C 271 -0.53 36.15 -28.52
N ILE C 272 -0.48 36.69 -29.76
CA ILE C 272 0.40 37.89 -30.04
C ILE C 272 -0.19 39.08 -29.30
N VAL C 273 -1.52 39.19 -29.26
CA VAL C 273 -2.21 40.19 -28.45
C VAL C 273 -1.86 40.02 -26.93
N PHE C 274 -2.06 38.80 -26.41
CA PHE C 274 -1.71 38.53 -25.00
C PHE C 274 -0.28 39.04 -24.75
N THR C 275 0.68 38.53 -25.52
CA THR C 275 2.10 38.89 -25.43
C THR C 275 2.37 40.37 -25.43
N THR C 276 1.70 41.09 -26.34
CA THR C 276 1.88 42.53 -26.53
C THR C 276 1.29 43.29 -25.36
N CYS C 277 0.17 42.83 -24.81
CA CYS C 277 -0.58 43.63 -23.85
C CYS C 277 -0.42 43.24 -22.32
N TYR C 278 0.06 42.03 -22.03
CA TYR C 278 0.09 41.50 -20.67
C TYR C 278 1.27 42.11 -19.97
N GLY C 279 1.16 42.25 -18.66
CA GLY C 279 2.30 42.73 -17.87
C GLY C 279 2.61 44.21 -18.04
N SER C 280 1.59 45.02 -18.29
CA SER C 280 1.82 46.45 -18.51
C SER C 280 0.82 47.23 -17.71
N LYS C 281 1.28 48.32 -17.15
CA LYS C 281 0.38 49.24 -16.42
C LYS C 281 -0.52 50.17 -17.28
N GLU C 282 -0.24 50.28 -18.59
CA GLU C 282 -1.08 51.15 -19.48
C GLU C 282 -2.50 50.62 -19.39
N PRO C 283 -3.47 51.48 -19.05
CA PRO C 283 -4.87 51.04 -18.98
C PRO C 283 -5.48 50.40 -20.27
N ALA C 284 -5.09 50.85 -21.47
CA ALA C 284 -5.61 50.29 -22.71
C ALA C 284 -5.04 48.87 -22.96
N HIS C 285 -3.78 48.65 -22.59
CA HIS C 285 -3.20 47.28 -22.49
C HIS C 285 -3.96 46.34 -21.56
N ILE C 286 -4.23 46.84 -20.36
CA ILE C 286 -4.97 46.10 -19.38
C ILE C 286 -6.32 45.82 -20.00
N GLU C 287 -6.95 46.87 -20.52
CA GLU C 287 -8.31 46.74 -21.09
C GLU C 287 -8.37 45.72 -22.21
N ARG C 288 -7.35 45.73 -23.10
CA ARG C 288 -7.21 44.73 -24.20
C ARG C 288 -7.14 43.30 -23.66
N ILE C 289 -6.36 43.08 -22.59
CA ILE C 289 -6.29 41.75 -21.95
C ILE C 289 -7.68 41.35 -21.42
N LYS C 290 -8.40 42.25 -20.78
CA LYS C 290 -9.71 41.87 -20.29
C LYS C 290 -10.70 41.63 -21.45
N GLU C 291 -10.56 42.43 -22.49
CA GLU C 291 -11.36 42.13 -23.70
C GLU C 291 -11.02 40.72 -24.19
N LEU C 292 -9.74 40.39 -24.30
CA LEU C 292 -9.37 39.01 -24.68
C LEU C 292 -9.94 37.92 -23.78
N TYR C 293 -9.95 38.15 -22.47
CA TYR C 293 -10.57 37.19 -21.49
C TYR C 293 -12.10 36.98 -21.75
N LYS C 294 -12.77 38.09 -22.05
CA LYS C 294 -14.21 38.11 -22.40
C LYS C 294 -14.49 37.30 -23.68
N GLN C 295 -13.76 37.61 -24.77
CA GLN C 295 -13.87 36.89 -26.06
C GLN C 295 -13.56 35.38 -25.95
N LEU C 296 -12.57 35.01 -25.11
CA LEU C 296 -12.29 33.62 -24.77
C LEU C 296 -13.31 33.00 -23.83
N GLN C 297 -14.32 33.74 -23.39
CA GLN C 297 -15.35 33.12 -22.54
C GLN C 297 -14.90 32.57 -21.19
N LEU C 298 -13.92 33.26 -20.60
CA LEU C 298 -13.34 32.81 -19.33
C LEU C 298 -14.32 32.94 -18.17
N PRO C 299 -15.19 33.96 -18.18
CA PRO C 299 -16.20 33.97 -17.10
C PRO C 299 -17.11 32.77 -17.11
N GLU C 300 -17.40 32.26 -18.30
CA GLU C 300 -18.28 31.13 -18.46
C GLU C 300 -17.53 29.88 -18.03
N LEU C 301 -16.30 29.74 -18.53
CA LEU C 301 -15.41 28.66 -18.14
C LEU C 301 -15.31 28.60 -16.62
N TYR C 302 -15.15 29.75 -15.94
CA TYR C 302 -14.93 29.75 -14.44
C TYR C 302 -16.14 29.20 -13.68
N ALA C 303 -17.33 29.70 -14.05
CA ALA C 303 -18.61 29.20 -13.47
C ALA C 303 -18.76 27.71 -13.65
N GLN C 304 -18.28 27.17 -14.77
CA GLN C 304 -18.30 25.72 -14.99
C GLN C 304 -17.26 24.99 -14.16
N GLU C 305 -16.01 25.45 -14.27
CA GLU C 305 -14.93 24.83 -13.55
C GLU C 305 -15.10 24.91 -12.05
N GLU C 306 -15.59 26.01 -11.54
CA GLU C 306 -15.81 26.15 -10.09
C GLU C 306 -16.74 25.02 -9.63
N THR C 307 -17.77 24.78 -10.43
CA THR C 307 -18.83 23.86 -10.03
C THR C 307 -18.32 22.46 -10.13
N ARG C 308 -17.61 22.17 -11.22
CA ARG C 308 -16.94 20.90 -11.36
C ARG C 308 -15.95 20.63 -10.23
N MET C 309 -15.17 21.65 -9.83
CA MET C 309 -14.13 21.43 -8.78
C MET C 309 -14.85 21.23 -7.46
N TYR C 310 -15.89 22.04 -7.25
CA TYR C 310 -16.75 21.86 -6.08
C TYR C 310 -17.20 20.44 -5.89
N GLU C 311 -17.65 19.80 -6.99
CA GLU C 311 -18.23 18.44 -6.87
C GLU C 311 -17.12 17.46 -6.58
N SER C 312 -16.03 17.61 -7.31
CA SER C 312 -14.91 16.76 -7.03
C SER C 312 -14.45 16.79 -5.54
N LEU C 313 -14.39 18.01 -4.99
CA LEU C 313 -13.91 18.22 -3.62
C LEU C 313 -14.83 17.58 -2.56
N ILE C 314 -16.14 17.83 -2.67
CA ILE C 314 -17.19 17.12 -1.87
C ILE C 314 -17.10 15.60 -2.00
N LYS C 315 -16.88 15.09 -3.20
CA LYS C 315 -16.71 13.65 -3.32
C LYS C 315 -15.42 13.17 -2.62
N GLN C 316 -14.36 13.96 -2.70
CA GLN C 316 -13.12 13.54 -2.07
C GLN C 316 -13.28 13.46 -0.55
N ALA C 317 -13.91 14.50 -0.04
CA ALA C 317 -14.24 14.63 1.35
C ALA C 317 -15.00 13.46 1.87
N HIS C 318 -15.98 13.04 1.12
CA HIS C 318 -16.79 11.83 1.51
C HIS C 318 -15.99 10.49 1.54
N GLY C 319 -14.87 10.39 0.83
CA GLY C 319 -14.02 9.21 1.01
C GLY C 319 -13.20 9.17 2.26
N LEU C 320 -13.17 10.28 3.00
CA LEU C 320 -12.37 10.28 4.20
C LEU C 320 -13.02 9.38 5.19
N PRO C 321 -12.24 8.79 6.08
CA PRO C 321 -12.83 8.09 7.16
C PRO C 321 -13.41 9.06 8.19
N SER C 322 -14.32 8.51 8.97
CA SER C 322 -15.07 9.36 9.89
C SER C 322 -14.16 9.97 11.00
N GLU C 323 -13.01 9.33 11.26
CA GLU C 323 -12.06 9.87 12.23
C GLU C 323 -11.35 11.17 11.76
N LEU C 324 -11.46 11.47 10.47
CA LEU C 324 -10.98 12.69 9.88
C LEU C 324 -12.12 13.61 9.45
N SER C 325 -13.32 13.37 9.91
CA SER C 325 -14.50 14.30 9.70
C SER C 325 -14.70 14.83 8.32
N PRO C 326 -15.28 14.01 7.43
CA PRO C 326 -15.75 14.49 6.17
C PRO C 326 -16.54 15.81 6.35
N ALA C 327 -17.28 15.87 7.43
CA ALA C 327 -18.19 17.00 7.67
C ALA C 327 -17.36 18.31 7.82
N LEU C 328 -16.22 18.18 8.50
CA LEU C 328 -15.32 19.35 8.58
C LEU C 328 -14.95 19.84 7.23
N PHE C 329 -14.51 18.91 6.37
CA PHE C 329 -14.04 19.29 5.05
C PHE C 329 -15.13 19.85 4.15
N VAL C 330 -16.32 19.27 4.27
CA VAL C 330 -17.48 19.74 3.47
C VAL C 330 -17.81 21.18 3.93
N ARG C 331 -17.78 21.43 5.24
CA ARG C 331 -17.98 22.79 5.79
C ARG C 331 -17.02 23.81 5.22
N LEU C 332 -15.75 23.46 5.12
CA LEU C 332 -14.76 24.38 4.63
C LEU C 332 -15.00 24.63 3.17
N ILE C 333 -15.33 23.58 2.45
CA ILE C 333 -15.58 23.75 1.02
C ILE C 333 -16.86 24.66 0.80
N HIS C 334 -17.91 24.37 1.56
CA HIS C 334 -19.15 25.07 1.43
C HIS C 334 -18.98 26.55 1.81
N MET C 335 -18.09 26.88 2.73
CA MET C 335 -17.85 28.26 3.12
C MET C 335 -17.27 29.06 1.97
N ILE C 336 -16.58 28.45 1.02
CA ILE C 336 -15.99 29.28 -0.04
C ILE C 336 -16.66 29.15 -1.42
N TYR C 337 -17.34 28.05 -1.69
CA TYR C 337 -17.95 27.82 -3.05
C TYR C 337 -18.87 29.03 -3.37
N LYS C 338 -18.72 29.61 -4.56
CA LYS C 338 -19.51 30.81 -5.02
C LYS C 338 -19.12 32.14 -4.34
N ARG C 339 -18.05 32.21 -3.55
CA ARG C 339 -17.71 33.49 -2.88
C ARG C 339 -17.35 34.55 -3.94
N ASN C 340 -17.53 35.82 -3.62
CA ASN C 340 -17.16 36.88 -4.56
C ASN C 340 -16.15 37.84 -3.93
N HIS C 341 -15.65 37.50 -2.74
CA HIS C 341 -14.52 38.16 -2.11
C HIS C 341 -13.84 37.22 -1.08
OAN C6M D . -12.19 -24.63 2.92
PAL C6M D . -12.57 -24.44 4.42
OAO C6M D . -13.83 -25.34 4.62
OAM C6M D . -11.57 -24.63 5.52
CAK C6M D . -13.30 -22.76 4.61
PAP C6M D . -14.68 -22.52 3.46
OAR C6M D . -15.90 -23.45 3.83
OAS C6M D . -14.41 -22.87 1.96
OAQ C6M D . -15.00 -21.02 3.55
CAJ C6M D . -12.32 -21.53 4.38
CAF C6M D . -11.04 -21.60 5.00
CAE C6M D . -9.92 -21.54 4.20
CAD C6M D . -8.64 -21.59 4.71
CAC C6M D . -8.44 -21.75 6.04
CAB C6M D . -9.53 -21.78 6.86
NAA C6M D . -10.80 -21.71 6.34
CAG C6M D . -11.88 -21.81 7.28
CAH C6M D . -12.01 -20.59 8.13
CAI C6M D . -13.39 -20.73 8.86
MG MG E . -10.35 -25.52 2.43
MG MG F . -12.99 -24.06 1.22
MG MG G . -15.82 -25.07 5.02
C1 EDO H . 2.16 -0.37 -18.05
O1 EDO H . 0.77 -0.08 -17.72
C2 EDO H . 2.81 0.76 -18.85
O2 EDO H . 2.46 0.47 -20.22
C1 EDO I . -19.10 -38.16 19.98
O1 EDO I . -18.82 -36.85 20.56
C2 EDO I . -17.77 -38.81 19.50
O2 EDO I . -18.14 -39.79 18.47
OAN C6M J . 9.71 -15.71 -18.82
PAL C6M J . 9.28 -15.63 -17.30
OAO C6M J . 7.91 -16.29 -16.94
OAM C6M J . 9.25 -14.21 -16.80
CAK C6M J . 10.61 -16.48 -16.35
PAP C6M J . 10.87 -18.24 -16.98
OAR C6M J . 9.45 -18.96 -16.78
OAS C6M J . 11.32 -18.10 -18.47
OAQ C6M J . 11.84 -18.87 -16.13
CAJ C6M J . 10.50 -16.52 -14.81
CAF C6M J . 10.19 -15.30 -14.09
CAE C6M J . 9.05 -15.35 -13.24
CAD C6M J . 8.60 -14.27 -12.48
CAC C6M J . 9.30 -13.08 -12.58
CAB C6M J . 10.43 -13.01 -13.42
NAA C6M J . 10.86 -14.12 -14.12
CAG C6M J . 12.04 -13.96 -14.93
CAH C6M J . 13.22 -13.79 -13.94
CAI C6M J . 14.47 -13.77 -14.92
MG MG K . 6.10 -15.62 -16.59
MG MG L . 7.56 -18.34 -16.93
MG MG M . 11.21 -16.72 -19.82
C1 EDO N . 34.21 8.59 -7.77
O1 EDO N . 33.90 7.93 -6.51
C2 EDO N . 32.97 9.25 -8.41
O2 EDO N . 32.75 8.90 -9.82
C1 EDO O . -1.59 -34.99 12.94
O1 EDO O . -2.32 -36.22 12.87
C2 EDO O . -1.30 -34.50 11.52
O2 EDO O . 0.04 -34.82 11.06
OAN C6M P . -1.25 35.34 -4.25
PAL C6M P . -1.85 36.72 -4.28
OAO C6M P . -0.61 37.71 -4.43
OAM C6M P . -2.78 36.79 -5.62
CAK C6M P . -2.92 36.99 -2.89
PAP C6M P . -3.77 38.67 -2.92
OAR C6M P . -2.57 39.72 -3.10
OAS C6M P . -4.74 38.55 -4.24
OAQ C6M P . -4.54 38.81 -1.66
CAJ C6M P . -2.24 36.88 -1.46
CAF C6M P . -1.33 35.76 -1.18
CAE C6M P . -0.02 36.03 -0.79
CAD C6M P . 0.98 35.12 -0.52
CAC C6M P . 0.68 33.78 -0.61
CAB C6M P . -0.63 33.45 -0.97
NAA C6M P . -1.62 34.43 -1.26
CAG C6M P . -2.91 33.93 -1.62
CAH C6M P . -3.56 33.68 -0.30
CAI C6M P . -4.97 33.16 -0.63
MG MG Q . 1.40 37.60 -4.74
MG MG R . -0.77 39.76 -3.98
MG MG S . -4.65 37.48 -5.82
C1 EDO T . -1.92 44.91 4.90
O1 EDO T . -1.94 46.31 5.16
C2 EDO T . -0.51 44.46 4.47
O2 EDO T . 0.01 45.06 3.32
C1 EDO U . 14.06 52.49 23.75
O1 EDO U . 13.17 53.16 22.87
C2 EDO U . 15.41 53.10 23.53
O2 EDO U . 15.45 54.36 24.20
C1 EDO V . 11.49 20.71 10.46
O1 EDO V . 11.25 20.09 9.18
C2 EDO V . 12.15 22.05 10.02
O2 EDO V . 11.26 23.13 9.74
#